data_1ETH
#
_entry.id   1ETH
#
_cell.length_a   289.100
_cell.length_b   289.100
_cell.length_c   289.100
_cell.angle_alpha   90.00
_cell.angle_beta   90.00
_cell.angle_gamma   90.00
#
_symmetry.space_group_name_H-M   'F 2 3'
#
loop_
_entity.id
_entity.type
_entity.pdbx_description
1 polymer 'TRIACYLGLYCEROL ACYL-HYDROLASE'
2 polymer COLIPASE
3 branched beta-D-mannopyranose-(1-3)-[beta-D-mannopyranose-(1-6)]beta-D-mannopyranose-(1-4)-2-acetamido-2-deoxy-beta-D-glucopyranose-(1-4)-2-acetamido-2-deoxy-beta-D-glucopyranose
4 non-polymer 'CALCIUM ION'
5 non-polymer (HYDROXYETHYLOXY)TRI(ETHYLOXY)OCTANE
6 non-polymer BETA-MERCAPTOETHANOL
7 water water
#
loop_
_entity_poly.entity_id
_entity_poly.type
_entity_poly.pdbx_seq_one_letter_code
_entity_poly.pdbx_strand_id
1 'polypeptide(L)'
;SEVCFPRLGCFSDDAPWAGIVQRPLKILPWSPKDVDTRFLLYTNQNQNNYQELVADPSTITNSNFRMDRKTRFIIHGFID
KGEEDWLSNICKNLFKVESVNCICVDWKGGSRTGYTQASQNIRIVGAEVAYFVEVLKSSLGYSPSNVHVIGHSLGSHAAG
EAGRRTNGTIERITGLDPAEPCFQGTPELVRLDPSDAKFVDVIHTDAAPIIPNLGFGMSQTVGHLDFFPNGGKQMPGCQK
NILSQIVDIDGIWEGTRDFVACNHLRSYKYYADSILNPDGFAGFPCDSYNVFTANKCFPCPSEGCPQMGHYADRFPGKTN
GVSQVFYLNTGDASNFARWRYKVSVTLSGKKVTGHILVSLFGNEGNSRQYEIYKGTLQPDNTHSDEFDSDVEVGDLQKVK
FIWYNVINPTLPRVGASKITVERNDGKVYDFCSQETVREEVLLTLNPC
;
A,C
2 'polypeptide(L)'
;VPDPRGIIINLDEGELCLNSAQCKSNCCQHDTILSLSRCALKARENSECSAFTLYGVYYKCPCERGLTCEGDKSLVGSIT
NTNFGICHNVGRSDS
;
B,D
#
loop_
_chem_comp.id
_chem_comp.type
_chem_comp.name
_chem_comp.formula
BMA D-saccharide, beta linking beta-D-mannopyranose 'C6 H12 O6'
BME non-polymer BETA-MERCAPTOETHANOL 'C2 H6 O S'
C8E non-polymer (HYDROXYETHYLOXY)TRI(ETHYLOXY)OCTANE 'C16 H34 O5'
CA non-polymer 'CALCIUM ION' 'Ca 2'
NAG D-saccharide, beta linking 2-acetamido-2-deoxy-beta-D-glucopyranose 'C8 H15 N O6'
#
# COMPACT_ATOMS: atom_id res chain seq x y z
N SER A 1 -28.18 10.82 -12.95
CA SER A 1 -28.90 9.76 -13.69
C SER A 1 -28.50 8.45 -13.09
N GLU A 2 -29.24 7.41 -13.46
CA GLU A 2 -28.93 6.06 -13.05
C GLU A 2 -29.63 5.10 -14.00
N VAL A 3 -28.92 4.02 -14.33
CA VAL A 3 -29.51 2.90 -15.04
C VAL A 3 -29.22 1.70 -14.18
N CYS A 4 -30.06 0.67 -14.33
CA CYS A 4 -29.87 -0.58 -13.65
C CYS A 4 -30.18 -1.66 -14.66
N PHE A 5 -29.36 -2.70 -14.62
CA PHE A 5 -29.47 -3.76 -15.59
C PHE A 5 -29.53 -5.06 -14.82
N PRO A 6 -30.27 -6.05 -15.35
CA PRO A 6 -30.46 -7.38 -14.80
C PRO A 6 -29.34 -7.83 -13.85
N ARG A 7 -28.26 -8.41 -14.38
CA ARG A 7 -27.29 -9.06 -13.51
C ARG A 7 -26.38 -8.06 -12.78
N LEU A 8 -26.22 -6.87 -13.36
CA LEU A 8 -25.08 -6.02 -13.05
C LEU A 8 -25.39 -4.84 -12.13
N GLY A 9 -26.61 -4.79 -11.59
CA GLY A 9 -26.98 -3.70 -10.70
C GLY A 9 -27.08 -2.35 -11.38
N CYS A 10 -26.90 -1.28 -10.61
CA CYS A 10 -27.22 0.08 -11.06
C CYS A 10 -25.98 0.88 -11.40
N PHE A 11 -26.14 1.98 -12.12
CA PHE A 11 -24.99 2.68 -12.65
C PHE A 11 -25.25 4.18 -12.68
N SER A 12 -24.77 4.86 -11.63
CA SER A 12 -25.01 6.30 -11.44
C SER A 12 -24.08 7.11 -12.29
N ASP A 13 -24.57 8.17 -12.94
CA ASP A 13 -23.64 9.12 -13.52
C ASP A 13 -23.33 10.28 -12.55
N ASP A 14 -23.11 9.93 -11.29
CA ASP A 14 -22.78 10.91 -10.27
C ASP A 14 -21.27 10.90 -10.00
N ALA A 15 -20.73 12.04 -9.60
CA ALA A 15 -19.36 12.12 -9.11
C ALA A 15 -19.15 11.03 -8.07
N PRO A 16 -17.94 10.43 -8.07
CA PRO A 16 -16.84 10.86 -8.94
C PRO A 16 -16.80 10.09 -10.26
N TRP A 17 -17.92 9.51 -10.67
CA TRP A 17 -18.03 8.85 -11.97
C TRP A 17 -18.15 9.82 -13.12
N ALA A 18 -18.80 10.94 -12.90
CA ALA A 18 -18.68 12.06 -13.83
C ALA A 18 -18.92 13.36 -13.09
N GLY A 19 -18.89 14.47 -13.80
CA GLY A 19 -18.94 15.75 -13.13
C GLY A 19 -17.57 16.17 -12.63
N ILE A 20 -16.85 15.32 -11.90
CA ILE A 20 -15.51 15.70 -11.43
C ILE A 20 -14.66 16.11 -12.59
N VAL A 21 -13.66 16.95 -12.32
CA VAL A 21 -13.06 17.81 -13.35
C VAL A 21 -12.15 17.09 -14.36
N GLN A 22 -11.67 15.92 -14.00
CA GLN A 22 -10.88 15.15 -14.94
C GLN A 22 -11.71 14.08 -15.65
N ARG A 23 -12.95 14.41 -15.98
CA ARG A 23 -14.01 13.42 -16.26
C ARG A 23 -15.31 14.22 -16.25
N PRO A 24 -15.31 15.40 -16.90
CA PRO A 24 -16.37 16.38 -16.69
C PRO A 24 -17.76 15.85 -17.04
N LEU A 25 -17.90 15.41 -18.30
CA LEU A 25 -19.17 15.12 -18.95
C LEU A 25 -19.96 14.00 -18.27
N LYS A 26 -21.28 14.16 -18.20
CA LYS A 26 -22.14 13.21 -17.50
C LYS A 26 -22.68 12.24 -18.54
N ILE A 27 -22.23 10.99 -18.47
CA ILE A 27 -22.61 9.99 -19.45
C ILE A 27 -22.72 8.67 -18.73
N LEU A 28 -23.61 7.80 -19.21
CA LEU A 28 -23.81 6.50 -18.56
C LEU A 28 -23.14 5.39 -19.38
N PRO A 29 -22.86 4.27 -18.73
CA PRO A 29 -22.63 2.95 -19.34
C PRO A 29 -23.72 2.57 -20.36
N TRP A 30 -23.42 1.61 -21.23
CA TRP A 30 -24.35 1.14 -22.26
C TRP A 30 -25.09 -0.05 -21.72
N SER A 31 -26.14 -0.48 -22.41
CA SER A 31 -26.81 -1.71 -21.97
C SER A 31 -25.70 -2.77 -22.02
N PRO A 32 -25.60 -3.58 -20.96
CA PRO A 32 -24.86 -4.85 -21.00
C PRO A 32 -25.14 -5.75 -22.22
N LYS A 33 -25.56 -5.16 -23.33
CA LYS A 33 -25.98 -5.92 -24.50
C LYS A 33 -25.20 -5.34 -25.65
N ASP A 34 -24.54 -4.22 -25.40
CA ASP A 34 -23.95 -3.45 -26.48
C ASP A 34 -22.43 -3.51 -26.34
N VAL A 35 -21.97 -3.20 -25.13
CA VAL A 35 -20.70 -3.66 -24.64
C VAL A 35 -20.52 -5.06 -25.22
N ASP A 36 -21.52 -5.90 -24.92
CA ASP A 36 -21.51 -7.33 -25.24
C ASP A 36 -20.19 -7.98 -24.82
N THR A 37 -19.91 -7.90 -23.54
CA THR A 37 -18.83 -8.64 -22.93
C THR A 37 -18.92 -10.13 -23.22
N ARG A 38 -17.96 -10.68 -23.95
CA ARG A 38 -17.85 -12.13 -24.12
C ARG A 38 -16.60 -12.68 -23.46
N PHE A 39 -16.70 -13.91 -22.98
CA PHE A 39 -15.58 -14.62 -22.34
C PHE A 39 -15.04 -15.80 -23.17
N LEU A 40 -13.96 -15.52 -23.88
CA LEU A 40 -13.32 -16.47 -24.79
C LEU A 40 -12.32 -17.34 -24.03
N LEU A 41 -12.71 -18.57 -23.71
CA LEU A 41 -11.83 -19.54 -23.02
C LEU A 41 -10.78 -20.19 -23.92
N TYR A 42 -9.59 -20.35 -23.36
CA TYR A 42 -8.47 -21.04 -23.99
C TYR A 42 -7.78 -21.84 -22.91
N THR A 43 -7.44 -23.08 -23.20
CA THR A 43 -6.73 -23.88 -22.22
C THR A 43 -5.60 -24.68 -22.90
N ASN A 44 -4.76 -25.32 -22.09
CA ASN A 44 -3.73 -26.21 -22.62
C ASN A 44 -4.40 -27.26 -23.50
N GLN A 45 -5.53 -27.74 -23.03
CA GLN A 45 -6.37 -28.68 -23.79
C GLN A 45 -6.95 -28.05 -25.06
N ASN A 46 -6.81 -26.74 -25.21
CA ASN A 46 -7.40 -26.06 -26.35
C ASN A 46 -6.89 -24.65 -26.50
N GLN A 47 -5.62 -24.56 -26.84
CA GLN A 47 -5.10 -23.36 -27.50
C GLN A 47 -5.77 -23.29 -28.86
N ASN A 48 -5.43 -22.27 -29.64
CA ASN A 48 -5.75 -22.27 -31.07
C ASN A 48 -7.24 -22.08 -31.43
N ASN A 49 -8.15 -22.58 -30.61
CA ASN A 49 -9.57 -22.35 -30.86
C ASN A 49 -10.37 -22.28 -29.56
N TYR A 50 -11.11 -21.19 -29.37
CA TYR A 50 -11.64 -20.88 -28.03
C TYR A 50 -13.00 -21.48 -27.73
N GLN A 51 -13.23 -21.79 -26.46
CA GLN A 51 -14.58 -22.01 -25.94
C GLN A 51 -15.17 -20.65 -25.57
N GLU A 52 -16.41 -20.62 -25.09
CA GLU A 52 -17.09 -19.35 -24.77
C GLU A 52 -18.02 -19.53 -23.58
N LEU A 53 -17.78 -18.76 -22.54
CA LEU A 53 -18.55 -18.92 -21.33
C LEU A 53 -19.34 -17.66 -21.02
N VAL A 54 -20.49 -17.89 -20.39
CA VAL A 54 -21.22 -16.84 -19.74
C VAL A 54 -21.22 -17.32 -18.32
N ALA A 55 -21.63 -16.46 -17.40
CA ALA A 55 -21.55 -16.73 -15.98
C ALA A 55 -22.28 -18.00 -15.52
N ASP A 56 -22.88 -18.73 -16.45
CA ASP A 56 -23.79 -19.82 -16.10
C ASP A 56 -23.04 -21.08 -15.72
N PRO A 57 -22.94 -21.36 -14.41
CA PRO A 57 -22.21 -22.52 -13.85
C PRO A 57 -22.25 -23.78 -14.69
N SER A 58 -23.41 -24.13 -15.23
CA SER A 58 -23.49 -25.30 -16.11
C SER A 58 -22.53 -25.12 -17.31
N THR A 59 -22.62 -23.97 -17.98
CA THR A 59 -21.73 -23.65 -19.08
C THR A 59 -20.27 -23.86 -18.71
N ILE A 60 -19.84 -23.35 -17.56
CA ILE A 60 -18.44 -23.44 -17.19
C ILE A 60 -18.12 -24.79 -16.56
N THR A 61 -19.15 -25.56 -16.21
CA THR A 61 -18.95 -26.91 -15.68
C THR A 61 -19.10 -27.96 -16.78
N ASN A 62 -19.48 -27.51 -17.97
CA ASN A 62 -19.51 -28.37 -19.15
C ASN A 62 -18.48 -27.87 -20.15
N SER A 63 -17.41 -27.25 -19.65
CA SER A 63 -16.40 -26.69 -20.53
C SER A 63 -15.00 -27.13 -20.13
N ASN A 64 -14.05 -26.89 -21.01
CA ASN A 64 -12.64 -27.18 -20.76
C ASN A 64 -12.07 -26.34 -19.62
N PHE A 65 -12.87 -25.44 -19.06
CA PHE A 65 -12.48 -24.72 -17.85
C PHE A 65 -12.22 -25.78 -16.79
N ARG A 66 -11.17 -25.57 -16.00
CA ARG A 66 -10.81 -26.52 -14.95
C ARG A 66 -10.50 -25.77 -13.66
N MET A 67 -11.26 -26.06 -12.61
CA MET A 67 -11.11 -25.34 -11.35
C MET A 67 -10.11 -25.97 -10.38
N ASP A 68 -9.37 -26.94 -10.88
CA ASP A 68 -8.18 -27.44 -10.18
C ASP A 68 -6.96 -26.76 -10.77
N ARG A 69 -7.23 -25.81 -11.67
CA ARG A 69 -6.19 -24.94 -12.21
C ARG A 69 -6.35 -23.52 -11.67
N LYS A 70 -5.97 -22.54 -12.46
CA LYS A 70 -5.79 -21.19 -11.99
C LYS A 70 -6.16 -20.36 -13.19
N THR A 71 -6.72 -19.18 -12.95
CA THR A 71 -7.42 -18.47 -14.03
C THR A 71 -6.80 -17.11 -14.27
N ARG A 72 -6.68 -16.75 -15.54
CA ARG A 72 -6.14 -15.45 -15.89
C ARG A 72 -7.06 -14.83 -16.92
N PHE A 73 -7.53 -13.61 -16.65
CA PHE A 73 -8.45 -12.92 -17.57
C PHE A 73 -7.59 -11.91 -18.31
N ILE A 74 -7.84 -11.73 -19.61
CA ILE A 74 -7.12 -10.72 -20.37
C ILE A 74 -8.09 -9.76 -21.01
N ILE A 75 -8.15 -8.52 -20.51
CA ILE A 75 -9.13 -7.56 -21.01
C ILE A 75 -8.42 -6.63 -21.94
N HIS A 76 -8.84 -6.57 -23.19
CA HIS A 76 -8.35 -5.52 -24.07
C HIS A 76 -8.82 -4.17 -23.61
N GLY A 77 -8.75 -3.19 -24.51
CA GLY A 77 -9.17 -1.84 -24.21
C GLY A 77 -9.62 -1.14 -25.48
N PHE A 78 -9.85 0.16 -25.40
CA PHE A 78 -10.37 0.98 -26.50
C PHE A 78 -10.05 0.47 -27.91
N ILE A 79 -11.06 0.37 -28.77
CA ILE A 79 -10.80 0.25 -30.19
C ILE A 79 -10.23 -1.14 -30.48
N ASP A 80 -10.41 -2.05 -29.54
CA ASP A 80 -9.83 -3.38 -29.67
C ASP A 80 -10.87 -4.39 -29.28
N LYS A 81 -10.59 -5.66 -29.56
CA LYS A 81 -11.53 -6.74 -29.29
C LYS A 81 -10.77 -7.93 -28.71
N GLY A 82 -11.43 -8.72 -27.87
CA GLY A 82 -10.76 -9.80 -27.20
C GLY A 82 -10.30 -10.98 -28.06
N GLU A 83 -10.13 -10.77 -29.35
CA GLU A 83 -9.67 -11.84 -30.21
C GLU A 83 -8.25 -11.51 -30.62
N GLU A 84 -8.06 -10.26 -31.07
CA GLU A 84 -6.78 -9.69 -31.41
C GLU A 84 -5.57 -10.46 -30.86
N ASP A 85 -4.60 -10.73 -31.73
CA ASP A 85 -3.65 -11.82 -31.50
C ASP A 85 -2.90 -11.67 -30.17
N TRP A 86 -2.67 -10.42 -29.76
CA TRP A 86 -1.95 -10.15 -28.54
C TRP A 86 -2.56 -10.85 -27.34
N LEU A 87 -3.87 -11.03 -27.35
CA LEU A 87 -4.53 -11.65 -26.21
C LEU A 87 -4.30 -13.16 -26.26
N SER A 88 -4.11 -13.68 -27.47
CA SER A 88 -3.92 -15.12 -27.64
C SER A 88 -2.47 -15.48 -27.37
N ASN A 89 -1.52 -14.67 -27.86
CA ASN A 89 -0.12 -14.82 -27.51
C ASN A 89 0.03 -15.13 -26.03
N ILE A 90 -0.46 -14.21 -25.20
CA ILE A 90 -0.30 -14.32 -23.75
C ILE A 90 -0.82 -15.65 -23.23
N CYS A 91 -1.85 -16.19 -23.87
CA CYS A 91 -2.38 -17.51 -23.51
C CYS A 91 -1.43 -18.60 -23.98
N LYS A 92 -0.88 -18.39 -25.17
CA LYS A 92 0.04 -19.37 -25.76
C LYS A 92 1.29 -19.48 -24.88
N ASN A 93 2.02 -18.37 -24.76
CA ASN A 93 3.18 -18.32 -23.89
C ASN A 93 2.86 -18.92 -22.54
N LEU A 94 1.75 -18.48 -21.95
CA LEU A 94 1.33 -18.98 -20.65
C LEU A 94 1.24 -20.49 -20.68
N PHE A 95 0.78 -21.04 -21.78
CA PHE A 95 0.60 -22.49 -21.86
C PHE A 95 1.94 -23.22 -21.92
N LYS A 96 2.94 -22.58 -22.51
CA LYS A 96 4.29 -23.12 -22.55
C LYS A 96 4.78 -23.30 -21.12
N VAL A 97 4.77 -22.21 -20.37
CA VAL A 97 5.24 -22.20 -18.99
C VAL A 97 4.31 -22.87 -18.01
N GLU A 98 3.02 -22.92 -18.32
CA GLU A 98 1.98 -23.09 -17.30
C GLU A 98 0.71 -23.76 -17.80
N SER A 99 0.04 -24.47 -16.89
CA SER A 99 -1.29 -25.03 -17.13
C SER A 99 -2.32 -24.09 -16.48
N VAL A 100 -3.28 -23.61 -17.27
CA VAL A 100 -4.04 -22.43 -16.87
C VAL A 100 -5.37 -22.27 -17.62
N ASN A 101 -6.30 -21.53 -17.00
CA ASN A 101 -7.54 -21.09 -17.68
C ASN A 101 -7.30 -19.68 -18.19
N CYS A 102 -7.14 -19.53 -19.49
CA CYS A 102 -6.77 -18.23 -20.04
C CYS A 102 -7.94 -17.60 -20.74
N ILE A 103 -8.78 -16.91 -19.97
CA ILE A 103 -9.99 -16.29 -20.51
C ILE A 103 -9.64 -14.94 -21.11
N CYS A 104 -9.58 -14.86 -22.43
CA CYS A 104 -9.69 -13.55 -23.07
C CYS A 104 -11.10 -12.94 -22.89
N VAL A 105 -11.15 -11.63 -22.73
CA VAL A 105 -12.41 -10.95 -22.44
C VAL A 105 -12.70 -9.97 -23.55
N ASP A 106 -13.68 -10.33 -24.38
CA ASP A 106 -14.07 -9.48 -25.50
C ASP A 106 -15.16 -8.52 -25.03
N TRP A 107 -15.06 -7.26 -25.45
CA TRP A 107 -16.07 -6.26 -25.20
C TRP A 107 -15.95 -5.29 -26.33
N LYS A 108 -15.82 -5.86 -27.51
CA LYS A 108 -15.55 -5.08 -28.70
C LYS A 108 -16.77 -4.27 -29.13
N GLY A 109 -17.93 -4.66 -28.60
CA GLY A 109 -19.14 -3.91 -28.83
C GLY A 109 -19.05 -2.60 -28.09
N GLY A 110 -18.69 -2.74 -26.81
CA GLY A 110 -18.51 -1.58 -25.93
C GLY A 110 -17.33 -0.70 -26.29
N SER A 111 -16.28 -1.29 -26.84
CA SER A 111 -15.00 -0.58 -27.04
C SER A 111 -14.85 0.26 -28.29
N ARG A 112 -15.78 0.19 -29.22
CA ARG A 112 -15.55 0.87 -30.49
C ARG A 112 -16.29 2.19 -30.61
N THR A 113 -16.90 2.61 -29.50
CA THR A 113 -17.66 3.84 -29.44
C THR A 113 -16.72 5.02 -29.24
N GLY A 114 -17.20 6.11 -28.64
CA GLY A 114 -16.34 7.25 -28.33
C GLY A 114 -15.42 6.97 -27.16
N TYR A 115 -14.29 7.68 -27.08
CA TYR A 115 -13.35 7.42 -26.00
C TYR A 115 -14.01 7.58 -24.63
N THR A 116 -14.60 8.75 -24.39
CA THR A 116 -15.28 9.05 -23.13
C THR A 116 -16.35 7.99 -22.86
N GLN A 117 -17.15 7.69 -23.89
CA GLN A 117 -18.10 6.59 -23.87
C GLN A 117 -17.44 5.30 -23.41
N ALA A 118 -16.38 4.88 -24.12
CA ALA A 118 -15.73 3.59 -23.88
C ALA A 118 -15.22 3.51 -22.45
N SER A 119 -14.59 4.61 -22.02
CA SER A 119 -14.10 4.78 -20.65
C SER A 119 -15.22 4.68 -19.66
N GLN A 120 -16.44 4.87 -20.14
CA GLN A 120 -17.64 4.72 -19.34
C GLN A 120 -18.16 3.28 -19.26
N ASN A 121 -18.13 2.57 -20.40
CA ASN A 121 -18.69 1.19 -20.44
C ASN A 121 -17.87 0.20 -19.61
N ILE A 122 -16.58 0.46 -19.51
CA ILE A 122 -15.66 -0.35 -18.70
C ILE A 122 -16.21 -0.72 -17.32
N ARG A 123 -17.15 0.05 -16.79
CA ARG A 123 -17.78 -0.29 -15.51
C ARG A 123 -18.62 -1.54 -15.70
N ILE A 124 -19.22 -1.62 -16.87
CA ILE A 124 -19.99 -2.79 -17.24
C ILE A 124 -19.04 -3.94 -17.44
N VAL A 125 -17.96 -3.69 -18.21
CA VAL A 125 -16.96 -4.73 -18.53
C VAL A 125 -16.33 -5.20 -17.22
N GLY A 126 -16.11 -4.24 -16.33
CA GLY A 126 -15.68 -4.54 -14.99
C GLY A 126 -16.68 -5.40 -14.28
N ALA A 127 -17.94 -4.96 -14.34
CA ALA A 127 -19.05 -5.60 -13.62
C ALA A 127 -19.37 -7.01 -14.13
N GLU A 128 -19.18 -7.23 -15.44
CA GLU A 128 -19.28 -8.55 -16.03
C GLU A 128 -18.20 -9.47 -15.45
N VAL A 129 -16.94 -9.06 -15.63
CA VAL A 129 -15.80 -9.85 -15.18
C VAL A 129 -15.89 -10.08 -13.68
N ALA A 130 -16.39 -9.06 -12.98
CA ALA A 130 -16.67 -9.15 -11.53
C ALA A 130 -17.72 -10.23 -11.19
N TYR A 131 -18.81 -10.23 -11.95
CA TYR A 131 -19.91 -11.16 -11.73
C TYR A 131 -19.46 -12.60 -11.97
N PHE A 132 -18.68 -12.79 -13.02
CA PHE A 132 -18.11 -14.10 -13.38
C PHE A 132 -17.28 -14.72 -12.24
N VAL A 133 -16.45 -13.90 -11.62
CA VAL A 133 -15.67 -14.30 -10.45
C VAL A 133 -16.66 -14.74 -9.38
N GLU A 134 -17.70 -13.91 -9.17
CA GLU A 134 -18.76 -14.18 -8.21
C GLU A 134 -19.33 -15.60 -8.34
N VAL A 135 -19.88 -15.93 -9.51
CA VAL A 135 -20.49 -17.25 -9.71
C VAL A 135 -19.47 -18.39 -9.56
N LEU A 136 -18.26 -18.19 -10.06
CA LEU A 136 -17.14 -19.10 -9.81
C LEU A 136 -17.06 -19.37 -8.31
N LYS A 137 -16.89 -18.29 -7.56
CA LYS A 137 -16.70 -18.37 -6.10
C LYS A 137 -17.86 -19.08 -5.43
N SER A 138 -19.07 -18.58 -5.61
CA SER A 138 -20.20 -19.03 -4.81
C SER A 138 -20.88 -20.27 -5.39
N SER A 139 -21.22 -20.23 -6.67
CA SER A 139 -21.87 -21.34 -7.29
C SER A 139 -20.88 -22.49 -7.46
N LEU A 140 -19.70 -22.20 -7.99
CA LEU A 140 -18.74 -23.23 -8.34
C LEU A 140 -17.76 -23.58 -7.24
N GLY A 141 -17.48 -22.62 -6.37
CA GLY A 141 -16.50 -22.83 -5.31
C GLY A 141 -15.14 -22.21 -5.62
N TYR A 142 -14.97 -21.74 -6.84
CA TYR A 142 -13.66 -21.31 -7.32
C TYR A 142 -13.21 -19.99 -6.72
N SER A 143 -12.29 -20.05 -5.78
CA SER A 143 -11.93 -18.87 -4.98
C SER A 143 -11.38 -17.72 -5.82
N PRO A 144 -11.83 -16.49 -5.53
CA PRO A 144 -11.30 -15.32 -6.25
C PRO A 144 -9.79 -15.15 -6.04
N SER A 145 -9.24 -15.91 -5.10
CA SER A 145 -7.80 -16.08 -4.98
C SER A 145 -7.24 -16.42 -6.35
N ASN A 146 -7.63 -17.57 -6.89
CA ASN A 146 -6.97 -18.17 -8.06
C ASN A 146 -7.09 -17.34 -9.33
N VAL A 147 -7.79 -16.22 -9.25
CA VAL A 147 -7.97 -15.37 -10.42
C VAL A 147 -6.83 -14.34 -10.49
N HIS A 148 -6.31 -14.16 -11.70
CA HIS A 148 -5.41 -13.07 -11.99
C HIS A 148 -6.02 -12.40 -13.22
N VAL A 149 -6.26 -11.08 -13.13
CA VAL A 149 -6.84 -10.31 -14.23
C VAL A 149 -5.81 -9.32 -14.77
N ILE A 150 -5.56 -9.37 -16.09
CA ILE A 150 -4.58 -8.52 -16.78
C ILE A 150 -5.34 -7.64 -17.74
N GLY A 151 -5.06 -6.35 -17.78
CA GLY A 151 -5.82 -5.52 -18.66
C GLY A 151 -4.97 -4.42 -19.23
N HIS A 152 -5.29 -3.97 -20.43
CA HIS A 152 -4.45 -3.02 -21.13
C HIS A 152 -5.27 -1.77 -21.40
N SER A 153 -4.64 -0.60 -21.33
CA SER A 153 -5.36 0.67 -21.46
C SER A 153 -6.62 0.68 -20.57
N LEU A 154 -7.75 1.11 -21.16
CA LEU A 154 -9.07 1.03 -20.51
C LEU A 154 -9.27 -0.28 -19.76
N GLY A 155 -8.72 -1.36 -20.30
CA GLY A 155 -8.92 -2.66 -19.71
C GLY A 155 -8.35 -2.79 -18.32
N SER A 156 -7.27 -2.07 -18.01
CA SER A 156 -6.65 -2.24 -16.70
C SER A 156 -7.64 -1.78 -15.67
N HIS A 157 -8.26 -0.64 -15.98
CA HIS A 157 -9.34 -0.08 -15.19
C HIS A 157 -10.56 -1.02 -15.03
N ALA A 158 -11.05 -1.56 -16.15
CA ALA A 158 -12.02 -2.66 -16.08
C ALA A 158 -11.65 -3.67 -15.03
N ALA A 159 -10.40 -4.11 -15.04
CA ALA A 159 -9.93 -5.07 -14.03
C ALA A 159 -10.03 -4.45 -12.63
N GLY A 160 -9.89 -3.13 -12.57
CA GLY A 160 -10.07 -2.42 -11.32
C GLY A 160 -11.51 -2.42 -10.86
N GLU A 161 -12.43 -2.33 -11.82
CA GLU A 161 -13.85 -2.53 -11.53
C GLU A 161 -14.01 -3.92 -10.94
N ALA A 162 -13.63 -4.92 -11.71
CA ALA A 162 -13.83 -6.30 -11.29
C ALA A 162 -13.22 -6.49 -9.91
N GLY A 163 -12.07 -5.86 -9.74
CA GLY A 163 -11.37 -5.93 -8.47
C GLY A 163 -12.14 -5.27 -7.36
N ARG A 164 -12.56 -4.03 -7.60
CA ARG A 164 -13.36 -3.30 -6.63
C ARG A 164 -14.59 -4.10 -6.18
N ARG A 165 -15.44 -4.45 -7.15
CA ARG A 165 -16.70 -5.14 -6.85
C ARG A 165 -16.44 -6.42 -6.11
N THR A 166 -15.23 -6.95 -6.22
CA THR A 166 -14.93 -8.22 -5.57
C THR A 166 -14.27 -7.97 -4.21
N ASN A 167 -14.41 -6.74 -3.72
CA ASN A 167 -13.95 -6.42 -2.40
C ASN A 167 -12.45 -6.71 -2.33
N GLY A 168 -11.80 -6.57 -3.47
CA GLY A 168 -10.36 -6.73 -3.56
C GLY A 168 -9.85 -8.08 -3.09
N THR A 169 -10.44 -9.14 -3.59
CA THR A 169 -10.04 -10.46 -3.14
C THR A 169 -9.36 -11.27 -4.24
N ILE A 170 -9.43 -10.79 -5.47
CA ILE A 170 -8.66 -11.41 -6.56
C ILE A 170 -7.16 -11.27 -6.33
N GLU A 171 -6.42 -12.35 -6.63
CA GLU A 171 -5.00 -12.46 -6.26
C GLU A 171 -4.11 -11.39 -6.86
N ARG A 172 -4.45 -10.93 -8.06
CA ARG A 172 -3.55 -10.09 -8.83
C ARG A 172 -4.28 -9.33 -9.94
N ILE A 173 -3.93 -8.06 -10.13
CA ILE A 173 -4.40 -7.31 -11.28
C ILE A 173 -3.17 -6.68 -11.90
N THR A 174 -3.08 -6.74 -13.22
CA THR A 174 -1.88 -6.30 -13.92
C THR A 174 -2.27 -5.22 -14.85
N GLY A 175 -1.53 -4.13 -14.88
CA GLY A 175 -1.98 -2.99 -15.64
C GLY A 175 -1.03 -2.69 -16.79
N LEU A 176 -1.28 -3.26 -17.95
CA LEU A 176 -0.40 -3.03 -19.07
C LEU A 176 -0.70 -1.64 -19.59
N ASP A 177 0.01 -0.67 -19.02
CA ASP A 177 -0.09 0.73 -19.41
C ASP A 177 -1.54 1.24 -19.36
N PRO A 178 -2.03 1.59 -18.16
CA PRO A 178 -3.40 2.05 -17.94
C PRO A 178 -3.67 3.33 -18.68
N ALA A 179 -4.93 3.55 -19.02
CA ALA A 179 -5.23 4.70 -19.85
C ALA A 179 -5.20 5.90 -18.94
N GLU A 180 -4.54 6.97 -19.39
CA GLU A 180 -4.48 8.19 -18.60
C GLU A 180 -5.82 8.91 -18.61
N PRO A 181 -6.27 9.37 -19.80
CA PRO A 181 -7.32 10.38 -19.82
C PRO A 181 -8.59 9.91 -19.09
N CYS A 182 -9.24 10.84 -18.41
CA CYS A 182 -10.24 10.57 -17.39
C CYS A 182 -10.07 9.29 -16.59
N PHE A 183 -8.87 9.04 -16.08
CA PHE A 183 -8.67 8.01 -15.05
C PHE A 183 -7.52 8.39 -14.12
N GLN A 184 -6.56 9.10 -14.67
CA GLN A 184 -5.47 9.63 -13.89
C GLN A 184 -6.01 10.88 -13.24
N GLY A 185 -6.06 10.82 -11.91
CA GLY A 185 -6.70 11.85 -11.11
C GLY A 185 -7.70 11.10 -10.24
N THR A 186 -8.97 11.31 -10.54
CA THR A 186 -10.05 10.38 -10.25
C THR A 186 -9.84 9.37 -9.10
N PRO A 187 -10.73 9.37 -8.11
CA PRO A 187 -10.45 8.61 -6.88
C PRO A 187 -10.20 7.14 -7.14
N GLU A 188 -9.66 6.48 -6.12
CA GLU A 188 -9.56 5.03 -6.05
C GLU A 188 -10.75 4.35 -6.71
N LEU A 189 -11.94 4.91 -6.49
CA LEU A 189 -13.21 4.46 -7.07
C LEU A 189 -13.46 5.03 -8.48
N VAL A 190 -12.46 4.90 -9.34
CA VAL A 190 -12.64 5.04 -10.77
C VAL A 190 -11.50 4.26 -11.41
N ARG A 191 -10.29 4.50 -10.94
CA ARG A 191 -9.11 3.89 -11.57
C ARG A 191 -8.70 2.60 -10.91
N LEU A 192 -7.77 1.92 -11.58
CA LEU A 192 -6.97 0.90 -10.92
C LEU A 192 -6.14 1.57 -9.84
N ASP A 193 -5.87 0.81 -8.78
CA ASP A 193 -5.16 1.30 -7.62
C ASP A 193 -5.07 0.13 -6.67
N PRO A 194 -4.12 0.14 -5.74
CA PRO A 194 -3.68 -1.14 -5.15
C PRO A 194 -4.79 -1.83 -4.39
N SER A 195 -5.87 -1.09 -4.14
CA SER A 195 -7.02 -1.57 -3.37
C SER A 195 -7.84 -2.65 -4.11
N ASP A 196 -7.75 -2.67 -5.44
CA ASP A 196 -8.65 -3.47 -6.25
C ASP A 196 -8.26 -4.94 -6.30
N ALA A 197 -7.09 -5.29 -5.81
CA ALA A 197 -6.80 -6.72 -5.63
C ALA A 197 -5.71 -6.89 -4.60
N LYS A 198 -5.45 -8.14 -4.23
CA LYS A 198 -4.38 -8.45 -3.29
C LYS A 198 -2.95 -8.05 -3.77
N PHE A 199 -2.78 -7.77 -5.06
CA PHE A 199 -1.49 -7.36 -5.60
C PHE A 199 -1.72 -6.76 -6.98
N VAL A 200 -1.32 -5.50 -7.15
CA VAL A 200 -1.60 -4.77 -8.37
C VAL A 200 -0.26 -4.30 -8.91
N ASP A 201 0.27 -4.99 -9.93
CA ASP A 201 1.55 -4.61 -10.54
C ASP A 201 1.38 -3.99 -11.93
N VAL A 202 1.83 -2.76 -12.09
CA VAL A 202 1.56 -1.96 -13.29
C VAL A 202 2.83 -1.83 -14.12
N ILE A 203 2.71 -1.91 -15.44
CA ILE A 203 3.83 -1.66 -16.35
C ILE A 203 3.54 -0.41 -17.12
N HIS A 204 4.39 0.58 -16.99
CA HIS A 204 4.14 1.86 -17.60
C HIS A 204 4.98 1.93 -18.83
N THR A 205 4.37 1.77 -20.00
CA THR A 205 5.14 1.87 -21.24
C THR A 205 4.74 3.01 -22.15
N ASP A 206 3.95 3.97 -21.64
CA ASP A 206 3.65 5.20 -22.41
C ASP A 206 3.18 6.36 -21.54
N ALA A 207 3.79 6.55 -20.38
CA ALA A 207 3.49 7.69 -19.53
C ALA A 207 3.89 8.97 -20.25
N ALA A 208 3.78 10.10 -19.57
CA ALA A 208 4.23 11.36 -20.14
C ALA A 208 3.43 11.83 -21.31
N PRO A 209 3.12 13.13 -21.29
CA PRO A 209 1.74 13.59 -21.16
C PRO A 209 1.06 13.68 -22.51
N ILE A 210 -0.23 13.32 -22.51
CA ILE A 210 -1.10 13.45 -23.66
C ILE A 210 -0.83 14.76 -24.41
N ILE A 211 -0.70 15.84 -23.64
CA ILE A 211 -0.22 17.11 -24.17
C ILE A 211 1.27 17.23 -23.83
N PRO A 212 2.10 17.60 -24.81
CA PRO A 212 1.70 17.65 -26.21
C PRO A 212 2.39 16.56 -27.03
N ASN A 213 2.82 15.50 -26.35
CA ASN A 213 3.61 14.48 -27.03
C ASN A 213 2.82 13.19 -27.20
N LEU A 214 1.52 13.27 -26.93
CA LEU A 214 0.57 12.25 -27.35
C LEU A 214 0.70 10.91 -26.66
N GLY A 215 0.96 10.91 -25.36
CA GLY A 215 0.98 9.65 -24.63
C GLY A 215 -0.36 9.23 -24.06
N PHE A 216 -0.82 8.04 -24.41
CA PHE A 216 -2.04 7.50 -23.81
C PHE A 216 -1.79 6.84 -22.47
N GLY A 217 -0.55 6.90 -21.98
CA GLY A 217 -0.24 6.13 -20.78
C GLY A 217 -0.26 6.94 -19.49
N MET A 218 -0.19 6.24 -18.37
CA MET A 218 -0.35 6.87 -17.07
C MET A 218 0.99 7.21 -16.40
N SER A 219 1.23 8.52 -16.18
CA SER A 219 2.33 8.96 -15.31
C SER A 219 2.11 8.43 -13.92
N GLN A 220 1.00 8.85 -13.33
CA GLN A 220 0.56 8.40 -12.02
C GLN A 220 1.06 7.03 -11.68
N THR A 221 1.39 6.81 -10.43
CA THR A 221 1.59 5.45 -9.98
C THR A 221 0.22 4.81 -9.95
N VAL A 222 0.14 3.58 -9.46
CA VAL A 222 -1.11 2.85 -9.26
C VAL A 222 -0.51 1.50 -8.87
N GLY A 223 -1.22 0.65 -8.16
CA GLY A 223 -0.59 -0.63 -7.85
C GLY A 223 0.63 -0.58 -6.94
N HIS A 224 0.98 -1.77 -6.44
CA HIS A 224 2.11 -1.91 -5.56
C HIS A 224 3.44 -1.66 -6.29
N LEU A 225 3.86 -2.61 -7.14
CA LEU A 225 5.05 -2.44 -7.98
C LEU A 225 4.70 -1.58 -9.17
N ASP A 226 5.63 -0.73 -9.60
CA ASP A 226 5.43 0.15 -10.75
C ASP A 226 6.60 0.31 -11.67
N PHE A 227 6.67 -0.59 -12.64
CA PHE A 227 7.80 -0.68 -13.54
C PHE A 227 7.69 0.35 -14.64
N PHE A 228 8.76 1.09 -14.88
CA PHE A 228 8.85 1.95 -16.05
C PHE A 228 9.95 1.52 -17.03
N PRO A 229 9.72 0.43 -17.78
CA PRO A 229 10.80 -0.04 -18.64
C PRO A 229 11.20 1.08 -19.60
N ASN A 230 12.50 1.18 -19.86
CA ASN A 230 13.06 2.18 -20.75
C ASN A 230 12.67 3.57 -20.29
N GLY A 231 12.41 3.68 -18.99
CA GLY A 231 12.16 4.97 -18.38
C GLY A 231 10.72 5.43 -18.50
N GLY A 232 9.89 4.62 -19.14
CA GLY A 232 8.47 4.90 -19.14
C GLY A 232 7.90 5.65 -20.32
N LYS A 233 8.61 6.65 -20.84
CA LYS A 233 8.03 7.57 -21.84
C LYS A 233 8.26 7.23 -23.31
N GLN A 234 9.38 6.60 -23.64
CA GLN A 234 9.78 6.41 -25.04
C GLN A 234 10.31 5.02 -25.23
N MET A 235 9.43 4.10 -25.61
CA MET A 235 9.86 2.73 -25.82
C MET A 235 10.76 2.65 -27.04
N PRO A 236 11.89 1.95 -26.88
CA PRO A 236 12.83 1.77 -27.97
C PRO A 236 12.21 0.78 -28.93
N GLY A 237 12.37 1.04 -30.23
CA GLY A 237 11.75 0.22 -31.23
C GLY A 237 10.48 0.86 -31.77
N CYS A 238 10.28 2.14 -31.45
CA CYS A 238 9.08 2.90 -31.84
C CYS A 238 9.39 4.25 -32.45
N GLN A 239 10.62 4.46 -32.90
CA GLN A 239 10.93 5.73 -33.55
C GLN A 239 11.29 5.47 -35.00
N LYS A 240 10.95 4.28 -35.48
CA LYS A 240 11.25 3.89 -36.86
C LYS A 240 10.57 4.81 -37.84
N ASN A 241 11.12 4.90 -39.05
CA ASN A 241 10.43 5.56 -40.13
C ASN A 241 9.09 4.86 -40.41
N ILE A 242 8.18 5.60 -41.06
CA ILE A 242 6.77 5.22 -41.21
C ILE A 242 6.68 3.83 -41.84
N LEU A 243 7.41 3.70 -42.96
CA LEU A 243 7.50 2.49 -43.76
C LEU A 243 7.91 1.26 -42.96
N SER A 244 8.99 1.37 -42.19
CA SER A 244 9.47 0.26 -41.35
C SER A 244 8.57 -0.11 -40.16
N GLN A 245 7.86 0.89 -39.62
CA GLN A 245 6.96 0.60 -38.52
C GLN A 245 5.74 -0.16 -39.00
N ILE A 246 5.16 0.30 -40.12
CA ILE A 246 3.96 -0.33 -40.68
C ILE A 246 4.24 -1.69 -41.29
N VAL A 247 5.27 -1.79 -42.13
CA VAL A 247 5.66 -3.09 -42.71
C VAL A 247 6.53 -3.93 -41.79
N ASP A 248 6.17 -4.00 -40.51
CA ASP A 248 6.96 -4.67 -39.50
C ASP A 248 6.86 -6.19 -39.60
N ILE A 249 7.85 -6.90 -39.06
CA ILE A 249 8.02 -8.33 -39.32
C ILE A 249 6.91 -9.26 -38.79
N ASP A 250 5.88 -8.69 -38.16
CA ASP A 250 4.77 -9.50 -37.71
C ASP A 250 3.54 -9.19 -38.52
N GLY A 251 3.75 -8.60 -39.69
CA GLY A 251 2.65 -8.37 -40.58
C GLY A 251 2.22 -6.94 -40.49
N ILE A 252 1.33 -6.53 -41.39
CA ILE A 252 1.09 -5.12 -41.61
C ILE A 252 -0.14 -4.61 -40.86
N TRP A 253 -0.75 -5.51 -40.08
CA TRP A 253 -1.68 -5.10 -39.03
C TRP A 253 -0.86 -4.57 -37.83
N GLU A 254 0.05 -5.43 -37.34
CA GLU A 254 0.85 -5.12 -36.17
C GLU A 254 1.63 -3.83 -36.34
N GLY A 255 2.08 -3.59 -37.55
CA GLY A 255 2.88 -2.41 -37.75
C GLY A 255 2.03 -1.17 -37.80
N THR A 256 0.73 -1.35 -38.06
CA THR A 256 -0.16 -0.19 -38.11
C THR A 256 -0.57 0.13 -36.70
N ARG A 257 -1.00 -0.90 -35.96
CA ARG A 257 -1.18 -0.77 -34.51
C ARG A 257 0.03 -0.14 -33.82
N ASP A 258 1.23 -0.62 -34.14
CA ASP A 258 2.43 0.04 -33.65
C ASP A 258 2.67 1.39 -34.30
N PHE A 259 2.15 1.58 -35.50
CA PHE A 259 2.17 2.90 -36.08
C PHE A 259 1.26 3.87 -35.32
N VAL A 260 0.23 3.35 -34.67
CA VAL A 260 -0.78 4.20 -34.05
C VAL A 260 -0.43 4.44 -32.58
N ALA A 261 -0.24 3.35 -31.85
CA ALA A 261 0.06 3.42 -30.44
C ALA A 261 1.22 2.47 -30.08
N CYS A 262 2.38 2.68 -30.71
CA CYS A 262 3.54 1.81 -30.49
C CYS A 262 3.95 1.64 -29.02
N ASN A 263 4.25 2.76 -28.37
CA ASN A 263 4.78 2.78 -27.01
C ASN A 263 3.75 2.16 -26.09
N HIS A 264 2.51 2.58 -26.36
CA HIS A 264 1.35 2.18 -25.58
C HIS A 264 1.19 0.69 -25.64
N LEU A 265 1.38 0.12 -26.83
CA LEU A 265 1.10 -1.30 -27.07
C LEU A 265 2.19 -2.23 -26.56
N ARG A 266 3.41 -1.69 -26.45
CA ARG A 266 4.57 -2.44 -25.97
C ARG A 266 4.33 -3.10 -24.63
N SER A 267 3.46 -2.52 -23.82
CA SER A 267 3.14 -3.09 -22.52
C SER A 267 2.80 -4.57 -22.58
N TYR A 268 1.95 -4.99 -23.53
CA TYR A 268 1.58 -6.42 -23.59
C TYR A 268 2.63 -7.24 -24.35
N LYS A 269 3.36 -6.58 -25.23
CA LYS A 269 4.60 -7.10 -25.77
C LYS A 269 5.50 -7.60 -24.63
N TYR A 270 5.99 -6.67 -23.80
CA TYR A 270 6.89 -7.02 -22.69
C TYR A 270 6.28 -8.08 -21.77
N TYR A 271 4.97 -7.94 -21.52
CA TYR A 271 4.32 -8.94 -20.69
C TYR A 271 4.44 -10.30 -21.34
N ALA A 272 4.30 -10.37 -22.66
CA ALA A 272 4.18 -11.66 -23.34
C ALA A 272 5.48 -12.43 -23.22
N ASP A 273 6.59 -11.74 -23.48
CA ASP A 273 7.93 -12.34 -23.44
C ASP A 273 8.29 -12.80 -22.03
N SER A 274 8.07 -11.92 -21.05
CA SER A 274 8.43 -12.21 -19.67
C SER A 274 7.86 -13.52 -19.19
N ILE A 275 6.89 -14.07 -19.92
CA ILE A 275 6.35 -15.35 -19.49
C ILE A 275 7.41 -16.40 -19.63
N LEU A 276 8.22 -16.23 -20.68
CA LEU A 276 9.17 -17.25 -21.13
C LEU A 276 10.57 -16.99 -20.63
N ASN A 277 10.93 -15.72 -20.46
CA ASN A 277 12.18 -15.35 -19.81
C ASN A 277 11.99 -14.96 -18.35
N PRO A 278 11.98 -15.93 -17.43
CA PRO A 278 11.69 -15.65 -16.02
C PRO A 278 12.64 -14.67 -15.30
N ASP A 279 13.77 -14.38 -15.93
CA ASP A 279 14.86 -13.62 -15.30
C ASP A 279 15.30 -12.46 -16.17
N GLY A 280 14.67 -12.29 -17.32
CA GLY A 280 15.14 -11.30 -18.29
C GLY A 280 14.60 -9.89 -18.14
N PHE A 281 13.98 -9.61 -17.00
CA PHE A 281 13.26 -8.35 -16.84
C PHE A 281 13.40 -7.70 -15.48
N ALA A 282 14.33 -8.21 -14.65
CA ALA A 282 14.76 -7.55 -13.40
C ALA A 282 14.69 -6.02 -13.40
N GLY A 283 14.02 -5.45 -12.38
CA GLY A 283 13.87 -4.00 -12.29
C GLY A 283 14.64 -3.39 -11.11
N PHE A 284 14.96 -2.11 -11.19
CA PHE A 284 15.94 -1.48 -10.30
C PHE A 284 15.37 -0.23 -9.64
N PRO A 285 15.32 -0.23 -8.32
CA PRO A 285 14.93 0.99 -7.62
C PRO A 285 15.91 2.06 -7.94
N CYS A 286 15.40 3.26 -8.20
CA CYS A 286 16.26 4.41 -8.41
C CYS A 286 15.46 5.69 -8.28
N ASP A 287 16.15 6.77 -8.00
CA ASP A 287 15.51 8.02 -7.68
C ASP A 287 14.99 8.66 -8.93
N SER A 288 15.20 7.97 -10.06
CA SER A 288 14.87 8.52 -11.35
C SER A 288 15.08 7.47 -12.44
N TYR A 289 14.94 7.88 -13.70
CA TYR A 289 15.43 7.05 -14.77
C TYR A 289 16.80 7.57 -15.16
N ASN A 290 16.90 8.89 -15.35
CA ASN A 290 18.16 9.52 -15.65
C ASN A 290 19.29 9.05 -14.72
N VAL A 291 19.01 9.00 -13.42
CA VAL A 291 19.99 8.49 -12.45
C VAL A 291 20.37 7.01 -12.71
N PHE A 292 19.43 6.22 -13.23
CA PHE A 292 19.69 4.82 -13.62
C PHE A 292 20.60 4.74 -14.86
N THR A 293 20.27 5.47 -15.91
CA THR A 293 21.10 5.50 -17.11
C THR A 293 22.44 6.11 -16.77
N ALA A 294 22.42 7.03 -15.80
CA ALA A 294 23.64 7.63 -15.26
C ALA A 294 24.34 6.63 -14.36
N ASN A 295 23.93 5.38 -14.46
CA ASN A 295 24.75 4.27 -14.00
C ASN A 295 25.04 4.40 -12.52
N LYS A 296 24.05 4.87 -11.77
CA LYS A 296 24.22 5.15 -10.36
C LYS A 296 23.44 4.23 -9.43
N CYS A 297 22.91 3.11 -9.93
CA CYS A 297 22.20 2.22 -9.01
C CYS A 297 21.93 0.76 -9.42
N PHE A 298 23.04 0.02 -9.34
CA PHE A 298 23.14 -1.37 -9.74
C PHE A 298 23.99 -1.96 -8.62
N PRO A 299 23.99 -3.29 -8.44
CA PRO A 299 23.09 -4.34 -8.94
C PRO A 299 21.75 -4.30 -8.22
N CYS A 300 21.07 -5.44 -8.14
CA CYS A 300 19.79 -5.50 -7.48
C CYS A 300 20.01 -5.40 -5.99
N PRO A 301 19.19 -4.59 -5.29
CA PRO A 301 18.98 -4.64 -3.84
C PRO A 301 18.91 -6.04 -3.24
N SER A 302 19.34 -6.12 -1.98
CA SER A 302 19.58 -7.39 -1.29
C SER A 302 18.37 -8.30 -1.24
N GLU A 303 17.17 -7.70 -1.30
CA GLU A 303 15.89 -8.43 -1.33
C GLU A 303 15.66 -9.10 -2.68
N GLY A 304 15.96 -8.34 -3.75
CA GLY A 304 15.83 -8.83 -5.10
C GLY A 304 15.56 -7.65 -6.00
N CYS A 305 15.50 -7.90 -7.30
CA CYS A 305 14.71 -7.03 -8.18
C CYS A 305 13.40 -7.74 -8.44
N PRO A 306 12.29 -7.01 -8.40
CA PRO A 306 11.13 -7.49 -9.15
C PRO A 306 11.49 -7.80 -10.60
N GLN A 307 10.99 -8.94 -11.08
CA GLN A 307 10.87 -9.15 -12.52
C GLN A 307 9.64 -8.36 -13.00
N MET A 308 9.83 -7.46 -13.95
CA MET A 308 8.67 -6.86 -14.63
C MET A 308 7.87 -7.89 -15.43
N GLY A 309 6.54 -7.76 -15.41
CA GLY A 309 5.69 -8.62 -16.19
C GLY A 309 5.26 -9.84 -15.41
N HIS A 310 5.29 -11.00 -16.03
CA HIS A 310 4.56 -12.14 -15.50
C HIS A 310 4.99 -12.59 -14.14
N TYR A 311 6.18 -12.19 -13.69
CA TYR A 311 6.74 -12.75 -12.43
C TYR A 311 6.89 -11.74 -11.29
N ALA A 312 6.37 -10.54 -11.47
CA ALA A 312 6.35 -9.52 -10.43
C ALA A 312 5.70 -10.04 -9.17
N ASP A 313 4.90 -11.08 -9.32
CA ASP A 313 4.12 -11.63 -8.22
C ASP A 313 4.96 -12.44 -7.24
N ARG A 314 6.25 -12.61 -7.55
CA ARG A 314 7.12 -13.45 -6.72
C ARG A 314 8.22 -12.64 -6.03
N PHE A 315 8.27 -11.35 -6.35
CA PHE A 315 9.03 -10.39 -5.55
C PHE A 315 8.71 -10.61 -4.09
N PRO A 316 9.72 -10.63 -3.22
CA PRO A 316 9.36 -10.67 -1.80
C PRO A 316 8.86 -9.34 -1.28
N GLY A 317 9.51 -8.25 -1.65
CA GLY A 317 9.12 -6.95 -1.12
C GLY A 317 7.91 -6.39 -1.82
N LYS A 318 6.90 -7.24 -1.98
CA LYS A 318 5.89 -7.04 -3.02
C LYS A 318 4.74 -6.17 -2.56
N THR A 319 3.92 -6.72 -1.68
CA THR A 319 2.80 -5.98 -1.13
C THR A 319 3.30 -5.01 -0.09
N ASN A 320 4.56 -5.17 0.30
CA ASN A 320 5.15 -4.41 1.41
C ASN A 320 5.30 -2.89 1.10
N GLY A 321 4.46 -2.38 0.23
CA GLY A 321 4.24 -0.95 0.17
C GLY A 321 3.32 -0.65 -0.98
N VAL A 322 3.42 0.56 -1.50
CA VAL A 322 2.51 1.03 -2.52
C VAL A 322 3.23 2.08 -3.36
N SER A 323 3.25 1.89 -4.68
CA SER A 323 3.91 2.81 -5.60
C SER A 323 5.42 2.73 -5.56
N GLN A 324 5.93 1.52 -5.30
CA GLN A 324 7.36 1.22 -5.47
C GLN A 324 7.65 1.25 -6.97
N VAL A 325 8.41 2.23 -7.43
CA VAL A 325 8.84 2.21 -8.84
C VAL A 325 10.21 1.58 -9.10
N PHE A 326 10.34 0.97 -10.28
CA PHE A 326 11.53 0.24 -10.67
C PHE A 326 11.85 0.48 -12.14
N TYR A 327 13.13 0.44 -12.49
CA TYR A 327 13.53 0.73 -13.85
C TYR A 327 14.35 -0.43 -14.32
N LEU A 328 14.07 -0.79 -15.57
CA LEU A 328 14.82 -1.77 -16.30
C LEU A 328 14.84 -1.29 -17.73
N ASN A 329 15.76 -1.85 -18.51
CA ASN A 329 15.79 -1.61 -19.95
C ASN A 329 15.44 -2.89 -20.69
N THR A 330 14.78 -2.72 -21.81
CA THR A 330 14.27 -3.87 -22.54
C THR A 330 14.76 -3.76 -23.95
N GLY A 331 14.53 -4.82 -24.72
CA GLY A 331 14.97 -4.87 -26.09
C GLY A 331 14.25 -3.90 -27.00
N ASP A 332 14.47 -3.98 -28.30
CA ASP A 332 13.73 -3.12 -29.20
C ASP A 332 12.84 -3.97 -30.07
N ALA A 333 12.97 -5.27 -29.92
CA ALA A 333 12.12 -6.17 -30.65
C ALA A 333 12.08 -7.56 -30.02
N SER A 334 11.37 -8.46 -30.67
CA SER A 334 10.35 -9.21 -29.99
C SER A 334 10.79 -10.46 -29.28
N ASN A 335 12.10 -10.56 -28.99
CA ASN A 335 12.47 -10.83 -27.59
C ASN A 335 13.10 -9.64 -26.94
N PHE A 336 12.52 -9.26 -25.80
CA PHE A 336 12.76 -7.97 -25.20
C PHE A 336 13.58 -8.09 -23.92
N ALA A 337 13.70 -9.33 -23.43
CA ALA A 337 14.59 -9.68 -22.33
C ALA A 337 16.03 -9.14 -22.45
N ARG A 338 16.48 -8.49 -21.37
CA ARG A 338 17.84 -7.99 -21.27
C ARG A 338 18.39 -8.37 -19.91
N TRP A 339 19.71 -8.27 -19.79
CA TRP A 339 20.37 -8.63 -18.54
C TRP A 339 21.49 -7.64 -18.30
N ARG A 340 21.32 -6.82 -17.25
CA ARG A 340 22.24 -5.73 -17.00
C ARG A 340 23.48 -6.29 -16.28
N TYR A 341 24.64 -5.89 -16.79
CA TYR A 341 25.94 -6.24 -16.20
C TYR A 341 26.71 -4.95 -16.10
N LYS A 342 27.53 -4.83 -15.06
CA LYS A 342 28.42 -3.68 -14.97
C LYS A 342 29.83 -4.14 -15.21
N VAL A 343 30.52 -3.44 -16.11
CA VAL A 343 31.88 -3.80 -16.42
C VAL A 343 32.78 -2.58 -16.33
N SER A 344 33.85 -2.76 -15.56
CA SER A 344 34.91 -1.74 -15.42
C SER A 344 36.22 -2.31 -15.95
N VAL A 345 36.86 -1.56 -16.83
CA VAL A 345 38.14 -1.98 -17.42
C VAL A 345 39.28 -1.03 -17.02
N THR A 346 40.44 -1.61 -16.68
CA THR A 346 41.63 -0.79 -16.45
C THR A 346 42.72 -1.03 -17.49
N LEU A 347 43.18 0.07 -18.07
CA LEU A 347 43.89 0.06 -19.34
C LEU A 347 45.42 -0.04 -19.22
N SER A 348 46.02 -0.85 -20.08
CA SER A 348 47.45 -0.86 -20.24
C SER A 348 47.76 -0.40 -21.66
N GLY A 349 49.03 -0.45 -22.04
CA GLY A 349 49.46 0.07 -23.34
C GLY A 349 49.80 1.52 -23.16
N LYS A 350 49.65 2.35 -24.19
CA LYS A 350 49.83 3.79 -23.98
C LYS A 350 48.77 4.65 -24.64
N LYS A 351 48.76 5.92 -24.25
CA LYS A 351 47.78 6.90 -24.67
C LYS A 351 47.41 6.78 -26.14
N VAL A 352 46.15 6.47 -26.39
CA VAL A 352 45.60 6.38 -27.73
C VAL A 352 44.18 6.91 -27.63
N THR A 353 43.59 7.28 -28.76
CA THR A 353 42.20 7.75 -28.72
C THR A 353 41.36 6.70 -29.42
N GLY A 354 40.20 6.40 -28.84
CA GLY A 354 39.37 5.33 -29.37
C GLY A 354 38.40 4.76 -28.37
N HIS A 355 37.76 3.65 -28.73
CA HIS A 355 36.68 3.05 -27.95
C HIS A 355 37.21 1.75 -27.35
N ILE A 356 36.81 1.45 -26.10
CA ILE A 356 37.02 0.11 -25.58
C ILE A 356 35.73 -0.63 -25.67
N LEU A 357 35.79 -1.94 -25.46
CA LEU A 357 34.71 -2.83 -25.87
C LEU A 357 34.97 -4.22 -25.28
N VAL A 358 34.01 -4.75 -24.55
CA VAL A 358 34.24 -5.97 -23.79
C VAL A 358 33.15 -6.97 -24.18
N SER A 359 33.44 -8.26 -24.09
CA SER A 359 32.41 -9.25 -24.33
C SER A 359 32.59 -10.37 -23.35
N LEU A 360 31.49 -10.87 -22.81
CA LEU A 360 31.52 -11.71 -21.63
C LEU A 360 31.37 -13.13 -22.10
N PHE A 361 32.00 -14.06 -21.40
CA PHE A 361 31.81 -15.48 -21.71
C PHE A 361 31.54 -16.19 -20.42
N GLY A 362 30.58 -17.12 -20.44
CA GLY A 362 30.17 -17.75 -19.20
C GLY A 362 29.60 -19.11 -19.50
N ASN A 363 29.36 -19.90 -18.46
CA ASN A 363 28.97 -21.30 -18.65
C ASN A 363 27.67 -21.47 -19.44
N GLU A 364 26.90 -20.41 -19.58
CA GLU A 364 25.67 -20.48 -20.35
C GLU A 364 25.92 -20.12 -21.81
N GLY A 365 26.74 -19.11 -22.03
CA GLY A 365 27.01 -18.67 -23.38
C GLY A 365 27.79 -17.38 -23.36
N ASN A 366 27.82 -16.67 -24.48
CA ASN A 366 28.58 -15.45 -24.53
C ASN A 366 27.85 -14.27 -25.18
N SER A 367 28.38 -13.08 -24.96
CA SER A 367 27.64 -11.87 -25.21
C SER A 367 28.17 -11.20 -26.45
N ARG A 368 27.40 -10.21 -26.94
CA ARG A 368 27.88 -9.31 -27.99
C ARG A 368 29.08 -8.54 -27.43
N GLN A 369 29.56 -7.59 -28.21
CA GLN A 369 30.60 -6.74 -27.71
C GLN A 369 29.95 -5.45 -27.33
N TYR A 370 29.86 -5.18 -26.04
CA TYR A 370 29.33 -3.90 -25.59
C TYR A 370 30.44 -2.92 -25.33
N GLU A 371 30.33 -1.76 -25.96
CA GLU A 371 31.16 -0.61 -25.58
C GLU A 371 31.26 -0.47 -24.05
N ILE A 372 32.22 0.32 -23.57
CA ILE A 372 32.37 0.56 -22.13
C ILE A 372 32.78 2.00 -21.91
N TYR A 373 33.68 2.49 -22.75
CA TYR A 373 34.07 3.89 -22.73
C TYR A 373 34.53 4.23 -24.15
N LYS A 374 34.71 5.52 -24.45
CA LYS A 374 35.27 5.96 -25.72
C LYS A 374 35.84 7.38 -25.56
N GLY A 375 37.10 7.56 -25.96
CA GLY A 375 37.75 8.84 -25.75
C GLY A 375 39.25 8.66 -25.71
N THR A 376 39.96 9.47 -24.92
CA THR A 376 41.38 9.29 -24.68
C THR A 376 41.61 8.02 -23.87
N LEU A 377 41.86 6.91 -24.54
CA LEU A 377 42.34 5.72 -23.85
C LEU A 377 43.78 6.00 -23.41
N GLN A 378 44.14 5.53 -22.22
CA GLN A 378 45.47 5.76 -21.70
C GLN A 378 45.65 5.01 -20.40
N PRO A 379 46.88 4.53 -20.14
CA PRO A 379 47.08 3.40 -19.22
C PRO A 379 46.88 3.79 -17.75
N ASP A 380 46.21 2.90 -17.03
CA ASP A 380 46.01 2.97 -15.59
C ASP A 380 44.70 3.60 -15.17
N ASN A 381 44.08 4.38 -16.06
CA ASN A 381 42.70 4.80 -15.87
C ASN A 381 41.80 3.57 -15.84
N THR A 382 40.93 3.53 -14.83
CA THR A 382 39.86 2.58 -14.79
C THR A 382 38.61 3.26 -15.32
N HIS A 383 37.92 2.60 -16.23
CA HIS A 383 36.72 3.12 -16.85
C HIS A 383 35.58 2.13 -16.64
N SER A 384 34.36 2.64 -16.53
CA SER A 384 33.25 1.72 -16.32
C SER A 384 31.99 2.09 -17.02
N ASP A 385 31.12 1.10 -17.10
CA ASP A 385 29.77 1.30 -17.58
C ASP A 385 29.01 0.03 -17.32
N GLU A 386 27.69 0.13 -17.40
CA GLU A 386 26.86 -1.05 -17.40
C GLU A 386 25.96 -1.00 -18.63
N PHE A 387 25.65 -2.20 -19.13
CA PHE A 387 25.05 -2.34 -20.43
C PHE A 387 24.03 -3.48 -20.34
N ASP A 388 23.09 -3.50 -21.26
CA ASP A 388 21.98 -4.43 -21.14
C ASP A 388 22.16 -5.56 -22.14
N SER A 389 22.98 -6.52 -21.74
CA SER A 389 23.35 -7.62 -22.60
C SER A 389 22.08 -8.34 -23.06
N ASP A 390 22.00 -8.67 -24.36
CA ASP A 390 20.90 -9.49 -24.80
C ASP A 390 21.19 -10.96 -24.70
N VAL A 391 22.25 -11.31 -23.96
CA VAL A 391 22.50 -12.71 -23.62
C VAL A 391 22.80 -12.86 -22.15
N GLU A 392 22.16 -13.80 -21.49
CA GLU A 392 22.51 -14.05 -20.11
C GLU A 392 23.62 -15.07 -20.13
N VAL A 393 24.84 -14.61 -19.84
CA VAL A 393 26.03 -15.45 -19.96
C VAL A 393 26.10 -16.47 -18.86
N GLY A 394 25.49 -16.16 -17.72
CA GLY A 394 25.50 -17.05 -16.58
C GLY A 394 26.68 -16.75 -15.68
N ASP A 395 27.32 -17.81 -15.20
CA ASP A 395 28.51 -17.65 -14.39
C ASP A 395 29.72 -17.45 -15.31
N LEU A 396 30.31 -16.27 -15.24
CA LEU A 396 31.45 -15.94 -16.09
C LEU A 396 32.67 -16.86 -15.94
N GLN A 397 33.27 -17.24 -17.06
CA GLN A 397 34.58 -17.86 -17.05
C GLN A 397 35.67 -16.93 -17.58
N LYS A 398 35.40 -16.22 -18.67
CA LYS A 398 36.37 -15.29 -19.19
C LYS A 398 35.68 -14.04 -19.68
N VAL A 399 36.48 -13.04 -20.07
CA VAL A 399 36.00 -11.95 -20.90
C VAL A 399 37.05 -11.64 -21.97
N LYS A 400 36.71 -10.78 -22.92
CA LYS A 400 37.67 -10.29 -23.90
C LYS A 400 37.54 -8.81 -24.07
N PHE A 401 38.56 -8.20 -24.64
CA PHE A 401 38.68 -6.77 -24.71
C PHE A 401 39.06 -6.48 -26.15
N ILE A 402 38.69 -5.31 -26.66
CA ILE A 402 38.95 -4.96 -28.06
C ILE A 402 38.74 -3.48 -28.19
N TRP A 403 39.54 -2.84 -29.03
CA TRP A 403 39.52 -1.39 -29.10
C TRP A 403 39.68 -0.98 -30.53
N TYR A 404 39.43 0.30 -30.85
CA TYR A 404 39.43 0.74 -32.24
C TYR A 404 39.43 2.25 -32.51
N ASN A 405 39.90 2.58 -33.71
CA ASN A 405 39.75 3.87 -34.37
C ASN A 405 40.70 4.95 -33.90
N VAL A 406 41.92 4.56 -33.56
CA VAL A 406 43.11 5.41 -33.77
C VAL A 406 44.37 4.55 -33.86
N ILE A 407 44.84 4.34 -35.08
CA ILE A 407 46.19 3.84 -35.31
C ILE A 407 46.90 4.72 -36.31
N ASN A 408 48.04 5.27 -35.91
CA ASN A 408 49.04 5.68 -36.88
C ASN A 408 49.62 4.38 -37.43
N PRO A 409 50.39 4.46 -38.52
CA PRO A 409 51.42 3.45 -38.76
C PRO A 409 52.14 2.97 -37.50
N THR A 410 52.20 3.83 -36.47
CA THR A 410 52.71 3.43 -35.16
C THR A 410 52.29 2.03 -34.72
N LEU A 411 51.04 1.67 -35.01
CA LEU A 411 50.43 0.45 -34.50
C LEU A 411 50.48 0.42 -32.96
N PRO A 412 49.93 1.46 -32.29
CA PRO A 412 49.86 1.50 -30.83
C PRO A 412 49.23 0.22 -30.30
N ARG A 413 49.47 -0.06 -29.03
CA ARG A 413 48.82 -1.18 -28.39
C ARG A 413 48.20 -0.74 -27.07
N VAL A 414 46.99 -1.24 -26.83
CA VAL A 414 46.22 -0.95 -25.62
C VAL A 414 45.74 -2.27 -25.07
N GLY A 415 45.52 -2.32 -23.75
CA GLY A 415 45.11 -3.57 -23.13
C GLY A 415 44.35 -3.35 -21.84
N ALA A 416 44.12 -4.42 -21.09
CA ALA A 416 43.35 -4.31 -19.85
C ALA A 416 44.01 -5.13 -18.76
N SER A 417 44.52 -4.50 -17.71
CA SER A 417 45.17 -5.23 -16.61
C SER A 417 44.13 -6.10 -15.94
N LYS A 418 43.03 -5.46 -15.62
CA LYS A 418 41.91 -6.11 -14.97
C LYS A 418 40.60 -5.54 -15.52
N ILE A 419 39.66 -6.46 -15.75
CA ILE A 419 38.26 -6.12 -15.88
C ILE A 419 37.47 -6.90 -14.82
N THR A 420 36.66 -6.20 -14.02
CA THR A 420 35.70 -6.88 -13.14
C THR A 420 34.27 -6.66 -13.62
N VAL A 421 33.55 -7.77 -13.75
CA VAL A 421 32.16 -7.79 -14.18
C VAL A 421 31.30 -8.06 -12.94
N GLU A 422 30.32 -7.19 -12.70
CA GLU A 422 29.31 -7.45 -11.68
C GLU A 422 27.95 -7.75 -12.32
N ARG A 423 27.49 -9.00 -12.17
CA ARG A 423 26.11 -9.39 -12.44
C ARG A 423 25.12 -8.53 -11.63
N ASN A 424 23.85 -8.42 -12.06
CA ASN A 424 22.80 -7.80 -11.22
C ASN A 424 22.58 -8.57 -9.91
N ASP A 425 22.97 -9.85 -9.92
CA ASP A 425 23.14 -10.67 -8.72
C ASP A 425 23.85 -9.91 -7.59
N GLY A 426 24.98 -9.29 -7.94
CA GLY A 426 25.79 -8.65 -6.92
C GLY A 426 27.23 -9.15 -6.96
N LYS A 427 27.41 -10.42 -7.31
CA LYS A 427 28.72 -11.00 -7.60
C LYS A 427 29.61 -10.05 -8.40
N VAL A 428 30.88 -10.08 -8.07
CA VAL A 428 31.90 -9.44 -8.88
C VAL A 428 32.85 -10.53 -9.27
N TYR A 429 33.16 -10.54 -10.56
CA TYR A 429 34.12 -11.49 -11.08
C TYR A 429 35.30 -10.68 -11.53
N ASP A 430 36.49 -11.17 -11.23
CA ASP A 430 37.72 -10.46 -11.55
C ASP A 430 38.49 -11.14 -12.67
N PHE A 431 39.00 -10.34 -13.60
CA PHE A 431 39.67 -10.86 -14.79
C PHE A 431 40.91 -10.01 -15.06
N CYS A 432 42.05 -10.66 -15.31
CA CYS A 432 43.33 -9.95 -15.38
C CYS A 432 44.17 -10.42 -16.57
N SER A 433 44.92 -9.48 -17.15
CA SER A 433 45.99 -9.81 -18.09
C SER A 433 47.06 -8.71 -18.05
N GLN A 434 48.30 -9.06 -18.41
CA GLN A 434 49.33 -8.04 -18.58
C GLN A 434 49.68 -7.85 -20.06
N GLU A 435 48.92 -8.52 -20.93
CA GLU A 435 49.00 -8.34 -22.36
C GLU A 435 48.54 -6.95 -22.82
N THR A 436 49.07 -6.49 -23.96
CA THR A 436 48.37 -5.49 -24.76
C THR A 436 48.07 -6.14 -26.11
N VAL A 437 47.21 -5.47 -26.90
CA VAL A 437 46.86 -5.86 -28.27
C VAL A 437 46.73 -4.57 -29.10
N ARG A 438 46.82 -4.69 -30.41
CA ARG A 438 46.63 -3.53 -31.30
C ARG A 438 45.18 -3.54 -31.77
N GLU A 439 44.72 -2.46 -32.39
CA GLU A 439 43.28 -2.27 -32.59
C GLU A 439 42.60 -3.31 -33.46
N GLU A 440 41.31 -3.51 -33.19
CA GLU A 440 40.55 -4.62 -33.73
C GLU A 440 41.16 -5.98 -33.44
N VAL A 441 41.77 -6.13 -32.25
CA VAL A 441 42.18 -7.47 -31.81
C VAL A 441 41.64 -7.90 -30.45
N LEU A 442 41.20 -9.15 -30.39
CA LEU A 442 40.53 -9.67 -29.20
C LEU A 442 41.49 -10.27 -28.16
N LEU A 443 41.85 -9.46 -27.17
CA LEU A 443 42.58 -9.90 -25.97
C LEU A 443 41.63 -10.63 -25.01
N THR A 444 41.83 -11.91 -24.76
CA THR A 444 41.04 -12.52 -23.69
C THR A 444 41.73 -12.33 -22.35
N LEU A 445 41.01 -11.84 -21.34
CA LEU A 445 41.51 -11.86 -19.96
C LEU A 445 40.97 -13.10 -19.25
N ASN A 446 41.74 -13.63 -18.32
CA ASN A 446 41.27 -14.77 -17.56
C ASN A 446 41.02 -14.37 -16.12
N PRO A 447 40.33 -15.25 -15.37
CA PRO A 447 40.14 -14.92 -13.96
C PRO A 447 41.49 -14.87 -13.28
N CYS A 448 41.83 -13.71 -12.71
CA CYS A 448 42.89 -13.72 -11.74
C CYS A 448 42.30 -14.25 -10.43
N PRO B 4 12.60 -4.59 -50.04
CA PRO B 4 11.97 -3.47 -49.34
C PRO B 4 12.73 -2.18 -49.55
N ARG B 5 12.03 -1.13 -49.94
CA ARG B 5 12.71 0.13 -50.24
C ARG B 5 13.34 0.69 -48.97
N GLY B 6 14.37 1.51 -49.15
CA GLY B 6 15.12 1.99 -48.01
C GLY B 6 15.65 3.36 -48.31
N ILE B 7 16.58 3.43 -49.26
CA ILE B 7 16.92 4.66 -49.98
C ILE B 7 17.39 5.85 -49.14
N ILE B 8 17.70 5.58 -47.88
CA ILE B 8 18.20 6.60 -46.98
C ILE B 8 19.35 5.95 -46.19
N ILE B 9 20.16 6.75 -45.53
CA ILE B 9 21.42 6.28 -44.96
C ILE B 9 21.45 6.29 -43.42
N ASN B 10 22.16 5.32 -42.86
CA ASN B 10 22.36 5.18 -41.40
C ASN B 10 21.14 4.70 -40.64
N LEU B 11 20.60 3.58 -41.09
CA LEU B 11 19.35 3.04 -40.57
C LEU B 11 19.55 2.24 -39.30
N ASP B 12 18.60 2.35 -38.38
CA ASP B 12 18.55 1.52 -37.17
C ASP B 12 18.27 0.07 -37.53
N GLU B 13 18.47 -0.82 -36.55
CA GLU B 13 18.06 -2.20 -36.70
C GLU B 13 16.57 -2.21 -36.88
N GLY B 14 16.04 -3.19 -37.62
CA GLY B 14 14.62 -3.26 -37.85
C GLY B 14 14.08 -2.32 -38.93
N GLU B 15 14.83 -1.26 -39.26
CA GLU B 15 14.45 -0.43 -40.38
C GLU B 15 14.64 -1.22 -41.68
N LEU B 16 14.15 -0.65 -42.77
CA LEU B 16 14.10 -1.32 -44.07
C LEU B 16 15.35 -0.97 -44.88
N CYS B 17 15.93 -1.95 -45.57
CA CYS B 17 17.14 -1.72 -46.34
C CYS B 17 17.20 -2.55 -47.62
N LEU B 18 17.67 -1.94 -48.69
CA LEU B 18 18.02 -2.67 -49.90
C LEU B 18 19.43 -3.28 -49.81
N ASN B 19 20.23 -2.81 -48.85
CA ASN B 19 21.66 -3.04 -48.85
C ASN B 19 22.37 -2.62 -47.54
N SER B 20 23.37 -3.40 -47.13
CA SER B 20 24.15 -3.17 -45.92
C SER B 20 24.82 -1.79 -45.80
N ALA B 21 24.97 -1.06 -46.90
CA ALA B 21 25.69 0.18 -46.82
C ALA B 21 24.83 1.18 -46.07
N GLN B 22 23.52 0.92 -46.05
CA GLN B 22 22.56 1.84 -45.41
C GLN B 22 22.49 1.66 -43.91
N CYS B 23 22.42 0.41 -43.46
CA CYS B 23 22.41 0.10 -42.04
C CYS B 23 23.58 0.66 -41.23
N LYS B 24 23.29 1.09 -40.02
CA LYS B 24 24.34 1.54 -39.10
C LYS B 24 25.23 0.34 -38.79
N SER B 25 24.58 -0.80 -38.57
CA SER B 25 25.30 -2.03 -38.30
C SER B 25 26.15 -2.43 -39.50
N ASN B 26 25.76 -1.96 -40.67
CA ASN B 26 26.38 -2.44 -41.89
C ASN B 26 26.22 -3.96 -42.02
N CYS B 27 25.05 -4.45 -41.63
CA CYS B 27 24.56 -5.74 -42.05
C CYS B 27 23.09 -5.57 -42.36
N CYS B 28 22.73 -5.73 -43.63
CA CYS B 28 21.34 -5.70 -44.08
C CYS B 28 20.86 -7.13 -44.29
N GLN B 29 20.31 -7.72 -43.24
CA GLN B 29 20.03 -9.14 -43.24
C GLN B 29 18.61 -9.37 -43.71
N HIS B 30 18.32 -10.61 -44.14
CA HIS B 30 16.95 -11.09 -44.36
C HIS B 30 16.90 -12.60 -44.57
N ASP B 31 15.93 -13.25 -43.92
CA ASP B 31 16.00 -14.68 -43.68
C ASP B 31 15.92 -15.61 -44.87
N THR B 32 15.23 -15.17 -45.93
CA THR B 32 15.23 -15.93 -47.18
C THR B 32 15.41 -15.00 -48.35
N ILE B 33 15.32 -15.57 -49.55
CA ILE B 33 15.53 -14.81 -50.77
C ILE B 33 14.30 -13.97 -51.06
N LEU B 34 13.15 -14.44 -50.59
CA LEU B 34 11.92 -13.70 -50.83
C LEU B 34 11.45 -12.75 -49.71
N SER B 35 12.01 -12.92 -48.51
CA SER B 35 11.78 -12.02 -47.38
C SER B 35 12.37 -10.64 -47.59
N LEU B 36 12.17 -9.73 -46.65
CA LEU B 36 12.63 -8.35 -46.89
C LEU B 36 13.81 -7.96 -46.00
N SER B 37 14.70 -7.18 -46.58
CA SER B 37 15.93 -6.84 -45.94
C SER B 37 15.71 -5.72 -44.94
N ARG B 38 15.85 -6.09 -43.67
CA ARG B 38 15.93 -5.13 -42.58
C ARG B 38 17.28 -5.20 -41.89
N CYS B 39 17.88 -4.04 -41.65
CA CYS B 39 19.05 -3.92 -40.78
C CYS B 39 19.03 -4.84 -39.57
N ALA B 40 20.19 -5.43 -39.29
CA ALA B 40 20.35 -6.39 -38.21
C ALA B 40 21.73 -6.17 -37.65
N LEU B 41 22.05 -6.89 -36.57
CA LEU B 41 23.29 -6.64 -35.85
C LEU B 41 24.29 -7.68 -36.26
N LYS B 42 25.57 -7.25 -36.35
CA LYS B 42 26.67 -8.16 -36.66
C LYS B 42 26.68 -9.32 -35.70
N ALA B 43 26.92 -10.52 -36.23
CA ALA B 43 26.82 -11.71 -35.42
C ALA B 43 27.93 -11.64 -34.41
N ARG B 44 27.79 -12.41 -33.34
CA ARG B 44 28.76 -12.34 -32.27
C ARG B 44 29.56 -13.62 -32.25
N GLU B 45 30.59 -13.63 -31.41
CA GLU B 45 31.44 -14.79 -31.36
C GLU B 45 30.61 -16.03 -31.15
N ASN B 46 30.81 -16.98 -32.04
CA ASN B 46 30.24 -18.29 -31.86
C ASN B 46 28.89 -18.44 -32.48
N SER B 47 28.39 -17.34 -33.04
CA SER B 47 27.14 -17.39 -33.76
C SER B 47 27.42 -17.31 -35.25
N GLU B 48 26.55 -17.96 -36.01
CA GLU B 48 26.59 -17.98 -37.48
C GLU B 48 26.79 -16.63 -38.16
N CYS B 49 27.37 -16.68 -39.34
CA CYS B 49 27.80 -15.49 -40.04
C CYS B 49 27.96 -15.85 -41.49
N SER B 50 28.19 -14.83 -42.31
CA SER B 50 28.59 -15.06 -43.69
C SER B 50 29.83 -14.22 -43.92
N ALA B 51 30.71 -14.68 -44.80
CA ALA B 51 31.80 -13.79 -45.23
C ALA B 51 31.29 -12.79 -46.28
N PHE B 52 32.02 -11.69 -46.42
CA PHE B 52 31.63 -10.61 -47.33
C PHE B 52 30.92 -11.11 -48.57
N THR B 53 29.71 -10.60 -48.82
CA THR B 53 29.00 -10.86 -50.08
C THR B 53 29.03 -9.62 -50.96
N LEU B 54 29.13 -9.83 -52.28
CA LEU B 54 28.98 -8.73 -53.22
C LEU B 54 27.50 -8.30 -53.37
N TYR B 55 26.59 -9.27 -53.27
CA TYR B 55 25.15 -8.98 -53.27
C TYR B 55 24.70 -7.93 -52.27
N GLY B 56 25.53 -7.66 -51.28
CA GLY B 56 25.27 -6.54 -50.40
C GLY B 56 24.12 -6.72 -49.43
N VAL B 57 23.73 -7.97 -49.20
CA VAL B 57 22.55 -8.29 -48.41
C VAL B 57 22.78 -9.72 -47.94
N TYR B 58 22.58 -9.99 -46.64
CA TYR B 58 22.99 -11.26 -46.02
C TYR B 58 21.87 -12.17 -45.55
N TYR B 59 22.10 -13.47 -45.63
CA TYR B 59 21.24 -14.42 -44.91
C TYR B 59 21.64 -14.59 -43.45
N LYS B 60 22.90 -14.24 -43.16
CA LYS B 60 23.50 -14.32 -41.83
C LYS B 60 24.53 -13.23 -41.90
N CYS B 61 24.62 -12.41 -40.86
CA CYS B 61 25.54 -11.26 -40.91
C CYS B 61 27.02 -11.61 -40.85
N PRO B 62 27.85 -10.68 -41.29
CA PRO B 62 29.26 -10.60 -40.90
C PRO B 62 29.40 -10.49 -39.38
N CYS B 63 30.56 -10.88 -38.84
CA CYS B 63 30.81 -10.86 -37.39
C CYS B 63 31.26 -9.53 -36.87
N GLU B 64 31.15 -9.37 -35.55
CA GLU B 64 31.65 -8.16 -34.92
C GLU B 64 33.15 -8.16 -35.12
N ARG B 65 33.77 -7.02 -34.85
CA ARG B 65 35.18 -6.85 -35.16
C ARG B 65 35.95 -7.83 -34.31
N GLY B 66 37.21 -8.00 -34.68
CA GLY B 66 38.05 -8.97 -34.02
C GLY B 66 37.76 -10.40 -34.41
N LEU B 67 36.59 -10.66 -35.00
CA LEU B 67 36.25 -12.02 -35.37
C LEU B 67 36.33 -12.37 -36.84
N THR B 68 36.31 -13.68 -37.09
CA THR B 68 36.61 -14.23 -38.39
C THR B 68 35.48 -15.23 -38.68
N CYS B 69 34.84 -15.13 -39.82
CA CYS B 69 33.78 -16.08 -40.03
C CYS B 69 34.40 -17.36 -40.58
N GLU B 70 34.38 -18.40 -39.78
CA GLU B 70 35.06 -19.61 -40.16
C GLU B 70 34.10 -20.68 -40.64
N GLY B 71 33.90 -20.70 -41.95
CA GLY B 71 33.12 -21.77 -42.55
C GLY B 71 33.31 -21.81 -44.05
N ASP B 72 32.27 -22.19 -44.79
CA ASP B 72 32.34 -22.33 -46.23
C ASP B 72 32.75 -21.05 -46.96
N LYS B 73 33.79 -21.15 -47.79
CA LYS B 73 34.14 -20.05 -48.69
C LYS B 73 34.32 -20.54 -50.12
N SER B 74 33.39 -21.41 -50.53
CA SER B 74 33.46 -22.08 -51.83
C SER B 74 32.93 -21.19 -52.94
N LEU B 75 32.91 -21.75 -54.15
CA LEU B 75 32.33 -21.04 -55.29
C LEU B 75 30.80 -21.08 -55.29
N VAL B 76 30.24 -22.28 -55.24
CA VAL B 76 28.80 -22.43 -55.10
C VAL B 76 28.25 -21.40 -54.13
N GLY B 77 28.89 -21.35 -52.96
CA GLY B 77 28.55 -20.39 -51.92
C GLY B 77 28.61 -18.94 -52.34
N SER B 78 29.68 -18.52 -53.00
CA SER B 78 29.77 -17.13 -53.36
C SER B 78 28.66 -16.64 -54.30
N ILE B 79 28.14 -17.53 -55.13
CA ILE B 79 27.10 -17.13 -56.08
C ILE B 79 25.74 -17.33 -55.45
N THR B 80 25.57 -18.40 -54.70
CA THR B 80 24.29 -18.58 -54.07
C THR B 80 24.20 -17.81 -52.76
N ASN B 81 25.11 -16.85 -52.57
CA ASN B 81 25.20 -16.12 -51.30
C ASN B 81 25.02 -16.99 -50.03
N THR B 82 25.82 -18.05 -49.91
CA THR B 82 25.74 -18.93 -48.76
C THR B 82 27.11 -19.35 -48.20
N ASN B 83 28.07 -18.43 -48.20
CA ASN B 83 29.39 -18.70 -47.60
C ASN B 83 29.30 -18.60 -46.06
N PHE B 84 28.61 -19.57 -45.47
CA PHE B 84 28.29 -19.49 -44.04
C PHE B 84 29.37 -20.05 -43.13
N GLY B 85 29.76 -19.23 -42.18
CA GLY B 85 30.74 -19.63 -41.20
C GLY B 85 30.29 -19.19 -39.83
N ILE B 86 30.97 -19.71 -38.83
CA ILE B 86 30.77 -19.28 -37.46
C ILE B 86 31.85 -18.29 -37.13
N CYS B 87 31.55 -17.31 -36.30
CA CYS B 87 32.61 -16.39 -35.91
C CYS B 87 33.48 -16.99 -34.83
N HIS B 88 34.73 -16.54 -34.80
CA HIS B 88 35.80 -17.20 -34.10
C HIS B 88 36.88 -16.15 -33.98
N ASN B 89 37.70 -16.31 -32.95
CA ASN B 89 38.77 -15.37 -32.63
C ASN B 89 40.05 -15.85 -33.31
N VAL B 90 40.72 -14.93 -34.00
CA VAL B 90 41.67 -15.24 -35.07
C VAL B 90 41.23 -16.44 -35.96
N SER C 1 -0.90 33.11 -7.83
CA SER C 1 -0.01 33.89 -6.94
C SER C 1 1.09 32.99 -6.47
N GLU C 2 2.10 33.59 -5.86
CA GLU C 2 3.17 32.84 -5.24
C GLU C 2 3.90 33.76 -4.26
N VAL C 3 4.32 33.17 -3.15
CA VAL C 3 5.20 33.83 -2.20
C VAL C 3 6.35 32.88 -2.01
N CYS C 4 7.49 33.45 -1.65
CA CYS C 4 8.67 32.66 -1.32
C CYS C 4 9.31 33.29 -0.09
N PHE C 5 9.74 32.40 0.79
CA PHE C 5 10.24 32.84 2.07
C PHE C 5 11.59 32.19 2.24
N PRO C 6 12.50 32.88 2.94
CA PRO C 6 13.88 32.48 3.23
C PRO C 6 14.10 30.97 3.22
N ARG C 7 13.81 30.29 4.33
CA ARG C 7 14.22 28.89 4.45
C ARG C 7 13.29 27.93 3.67
N LEU C 8 12.04 28.36 3.50
CA LEU C 8 10.96 27.45 3.17
C LEU C 8 10.54 27.41 1.71
N GLY C 9 11.27 28.09 0.83
CA GLY C 9 10.95 28.09 -0.59
C GLY C 9 9.65 28.82 -0.91
N CYS C 10 9.02 28.43 -2.03
CA CYS C 10 7.92 29.20 -2.60
C CYS C 10 6.56 28.54 -2.36
N PHE C 11 5.49 29.28 -2.55
CA PHE C 11 4.18 28.83 -2.12
C PHE C 11 3.11 29.32 -3.06
N SER C 12 2.75 28.47 -4.01
CA SER C 12 1.81 28.82 -5.08
C SER C 12 0.39 28.74 -4.58
N ASP C 13 -0.47 29.69 -4.93
CA ASP C 13 -1.88 29.45 -4.70
C ASP C 13 -2.57 28.87 -5.94
N ASP C 14 -1.89 27.91 -6.58
CA ASP C 14 -2.42 27.26 -7.77
C ASP C 14 -3.02 25.92 -7.41
N ALA C 15 -4.01 25.48 -8.18
CA ALA C 15 -4.52 24.13 -8.04
C ALA C 15 -3.35 23.13 -8.07
N PRO C 16 -3.47 22.05 -7.30
CA PRO C 16 -4.66 21.75 -6.51
C PRO C 16 -4.61 22.32 -5.09
N TRP C 17 -3.78 23.36 -4.88
CA TRP C 17 -3.69 24.04 -3.58
C TRP C 17 -4.85 24.98 -3.34
N ALA C 18 -5.35 25.60 -4.40
CA ALA C 18 -6.66 26.22 -4.32
C ALA C 18 -7.28 26.27 -5.71
N GLY C 19 -8.47 26.86 -5.81
CA GLY C 19 -9.21 26.76 -7.05
C GLY C 19 -9.98 25.45 -7.16
N ILE C 20 -9.34 24.29 -6.94
CA ILE C 20 -10.08 23.04 -7.00
C ILE C 20 -11.27 23.08 -6.06
N VAL C 21 -12.30 22.30 -6.37
CA VAL C 21 -13.66 22.57 -5.90
C VAL C 21 -13.91 22.27 -4.43
N GLN C 22 -13.06 21.46 -3.82
CA GLN C 22 -13.20 21.19 -2.39
C GLN C 22 -12.27 22.08 -1.56
N ARG C 23 -12.07 23.31 -2.01
CA ARG C 23 -10.88 24.10 -1.63
C ARG C 23 -10.90 25.32 -2.55
N PRO C 24 -12.08 25.91 -2.77
CA PRO C 24 -12.28 26.83 -3.89
C PRO C 24 -11.35 28.05 -3.84
N LEU C 25 -11.44 28.79 -2.74
CA LEU C 25 -10.86 30.12 -2.58
C LEU C 25 -9.34 30.15 -2.72
N LYS C 26 -8.84 31.20 -3.34
CA LYS C 26 -7.42 31.33 -3.63
C LYS C 26 -6.79 32.14 -2.51
N ILE C 27 -5.98 31.49 -1.68
CA ILE C 27 -5.37 32.16 -0.53
C ILE C 27 -3.98 31.58 -0.33
N LEU C 28 -3.06 32.40 0.16
CA LEU C 28 -1.69 31.95 0.40
C LEU C 28 -1.45 31.66 1.89
N PRO C 29 -0.43 30.86 2.16
CA PRO C 29 0.25 30.77 3.45
C PRO C 29 0.68 32.15 3.98
N TRP C 30 0.91 32.23 5.30
CA TRP C 30 1.34 33.47 5.96
C TRP C 30 2.84 33.52 6.00
N SER C 31 3.43 34.66 6.34
CA SER C 31 4.87 34.70 6.48
C SER C 31 5.18 33.64 7.55
N PRO C 32 6.20 32.80 7.30
CA PRO C 32 6.82 31.99 8.34
C PRO C 32 7.18 32.72 9.64
N LYS C 33 6.49 33.82 9.94
CA LYS C 33 6.83 34.67 11.07
C LYS C 33 5.56 34.81 11.87
N ASP C 34 4.46 34.34 11.29
CA ASP C 34 3.15 34.62 11.84
C ASP C 34 2.55 33.33 12.34
N VAL C 35 2.56 32.34 11.45
CA VAL C 35 2.54 30.95 11.84
C VAL C 35 3.34 30.85 13.15
N ASP C 36 4.58 31.34 13.04
CA ASP C 36 5.56 31.24 14.10
C ASP C 36 5.60 29.82 14.67
N THR C 37 5.92 28.89 13.79
CA THR C 37 6.24 27.53 14.18
C THR C 37 7.38 27.46 15.22
N ARG C 38 7.06 26.99 16.44
CA ARG C 38 8.10 26.74 17.43
C ARG C 38 8.21 25.27 17.75
N PHE C 39 9.42 24.83 18.09
CA PHE C 39 9.72 23.44 18.44
C PHE C 39 10.08 23.23 19.92
N LEU C 40 9.07 22.82 20.70
CA LEU C 40 9.18 22.67 22.14
C LEU C 40 9.69 21.27 22.46
N LEU C 41 10.98 21.16 22.79
CA LEU C 41 11.60 19.89 23.19
C LEU C 41 11.28 19.42 24.62
N TYR C 42 11.08 18.12 24.75
CA TYR C 42 10.86 17.46 26.03
C TYR C 42 11.60 16.16 25.95
N THR C 43 12.31 15.79 27.00
CA THR C 43 12.98 14.50 27.02
C THR C 43 12.80 13.82 28.38
N ASN C 44 13.23 12.56 28.48
CA ASN C 44 13.25 11.87 29.77
C ASN C 44 14.06 12.71 30.76
N GLN C 45 15.15 13.29 30.26
CA GLN C 45 15.98 14.17 31.05
C GLN C 45 15.27 15.48 31.37
N ASN C 46 14.12 15.71 30.77
CA ASN C 46 13.40 16.95 31.01
C ASN C 46 11.97 16.91 30.50
N GLN C 47 11.18 16.10 31.17
CA GLN C 47 9.73 16.27 31.15
C GLN C 47 9.46 17.59 31.85
N ASN C 48 8.19 17.97 31.95
CA ASN C 48 7.78 19.03 32.88
C ASN C 48 8.17 20.46 32.47
N ASN C 49 9.32 20.64 31.82
CA ASN C 49 9.71 21.96 31.34
C ASN C 49 10.55 21.87 30.06
N TYR C 50 10.11 22.57 29.01
CA TYR C 50 10.62 22.32 27.66
C TYR C 50 11.84 23.11 27.27
N GLN C 51 12.69 22.50 26.46
CA GLN C 51 13.69 23.25 25.70
C GLN C 51 13.03 23.79 24.41
N GLU C 52 13.79 24.53 23.60
CA GLU C 52 13.23 25.13 22.37
C GLU C 52 14.28 25.13 21.26
N LEU C 53 13.96 24.50 20.16
CA LEU C 53 14.92 24.42 19.09
C LEU C 53 14.42 25.13 17.84
N VAL C 54 15.38 25.64 17.09
CA VAL C 54 15.14 26.05 15.72
C VAL C 54 16.07 25.14 14.97
N ALA C 55 15.93 25.12 13.65
CA ALA C 55 16.69 24.20 12.81
C ALA C 55 18.20 24.30 12.94
N ASP C 56 18.70 25.17 13.82
CA ASP C 56 20.11 25.48 13.83
C ASP C 56 20.93 24.43 14.57
N PRO C 57 21.62 23.55 13.82
CA PRO C 57 22.39 22.44 14.36
C PRO C 57 23.08 22.69 15.70
N SER C 58 23.69 23.87 15.86
CA SER C 58 24.30 24.20 17.14
C SER C 58 23.26 24.15 18.25
N THR C 59 22.14 24.82 18.04
CA THR C 59 21.03 24.77 19.00
C THR C 59 20.63 23.35 19.40
N ILE C 60 20.49 22.47 18.43
CA ILE C 60 20.06 21.12 18.73
C ILE C 60 21.24 20.25 19.18
N THR C 61 22.46 20.73 19.00
CA THR C 61 23.65 20.00 19.46
C THR C 61 24.12 20.54 20.80
N ASN C 62 23.47 21.61 21.26
CA ASN C 62 23.71 22.12 22.60
C ASN C 62 22.43 21.98 23.43
N SER C 63 21.63 20.97 23.09
CA SER C 63 20.37 20.75 23.79
C SER C 63 20.23 19.32 24.29
N ASN C 64 19.24 19.11 25.15
CA ASN C 64 18.91 17.78 25.64
C ASN C 64 18.43 16.84 24.55
N PHE C 65 18.30 17.34 23.33
CA PHE C 65 18.05 16.49 22.17
C PHE C 65 19.16 15.45 22.12
N ARG C 66 18.82 14.21 21.82
CA ARG C 66 19.81 13.14 21.74
C ARG C 66 19.58 12.31 20.49
N MET C 67 20.57 12.28 19.60
CA MET C 67 20.45 11.58 18.35
C MET C 67 20.86 10.10 18.39
N ASP C 68 21.09 9.60 19.59
CA ASP C 68 21.19 8.17 19.81
C ASP C 68 19.84 7.65 20.29
N ARG C 69 18.86 8.55 20.30
CA ARG C 69 17.49 8.18 20.58
C ARG C 69 16.65 8.25 19.30
N LYS C 70 15.39 8.60 19.45
CA LYS C 70 14.41 8.46 18.40
C LYS C 70 13.45 9.62 18.63
N THR C 71 12.88 10.16 17.57
CA THR C 71 12.21 11.45 17.69
C THR C 71 10.75 11.35 17.31
N ARG C 72 9.91 12.03 18.06
CA ARG C 72 8.49 12.05 17.77
C ARG C 72 8.03 13.50 17.81
N PHE C 73 7.40 13.95 16.74
CA PHE C 73 6.92 15.34 16.67
C PHE C 73 5.43 15.26 16.95
N ILE C 74 4.89 16.22 17.69
CA ILE C 74 3.46 16.28 17.92
C ILE C 74 2.88 17.62 17.46
N ILE C 75 2.17 17.63 16.34
CA ILE C 75 1.66 18.88 15.79
C ILE C 75 0.20 19.00 16.18
N HIS C 76 -0.15 20.06 16.88
CA HIS C 76 -1.55 20.37 17.14
C HIS C 76 -2.22 20.77 15.85
N GLY C 77 -3.38 21.41 15.96
CA GLY C 77 -4.13 21.82 14.79
C GLY C 77 -4.96 23.04 15.14
N PHE C 78 -5.86 23.42 14.25
CA PHE C 78 -6.70 24.61 14.38
C PHE C 78 -7.00 25.04 15.82
N ILE C 79 -6.79 26.32 16.12
CA ILE C 79 -7.39 26.90 17.32
C ILE C 79 -6.65 26.35 18.54
N ASP C 80 -5.46 25.80 18.31
CA ASP C 80 -4.75 25.13 19.40
C ASP C 80 -3.31 25.57 19.32
N LYS C 81 -2.54 25.26 20.35
CA LYS C 81 -1.15 25.64 20.43
C LYS C 81 -0.32 24.49 20.98
N GLY C 82 0.95 24.43 20.60
CA GLY C 82 1.77 23.28 20.98
C GLY C 82 2.14 23.16 22.46
N GLU C 83 1.39 23.81 23.33
CA GLU C 83 1.65 23.71 24.75
C GLU C 83 0.59 22.85 25.40
N GLU C 84 -0.66 23.19 25.07
CA GLU C 84 -1.86 22.47 25.45
C GLU C 84 -1.57 21.07 25.96
N ASP C 85 -2.15 20.73 27.12
CA ASP C 85 -1.67 19.60 27.91
C ASP C 85 -1.63 18.28 27.15
N TRP C 86 -2.56 18.09 26.23
CA TRP C 86 -2.61 16.87 25.44
C TRP C 86 -1.28 16.55 24.75
N LEU C 87 -0.55 17.58 24.37
CA LEU C 87 0.70 17.34 23.66
C LEU C 87 1.73 16.87 24.67
N SER C 88 1.60 17.32 25.90
CA SER C 88 2.59 16.99 26.92
C SER C 88 2.31 15.61 27.51
N ASN C 89 1.03 15.29 27.73
CA ASN C 89 0.64 13.93 28.10
C ASN C 89 1.38 12.92 27.26
N ILE C 90 1.21 13.02 25.93
CA ILE C 90 1.79 12.05 25.00
C ILE C 90 3.29 11.91 25.20
N CYS C 91 3.94 13.01 25.58
CA CYS C 91 5.39 12.97 25.88
C CYS C 91 5.60 12.28 27.21
N LYS C 92 4.70 12.53 28.17
CA LYS C 92 4.84 11.93 29.49
C LYS C 92 4.69 10.42 29.39
N ASN C 93 3.52 9.97 28.96
CA ASN C 93 3.29 8.55 28.73
C ASN C 93 4.45 7.95 27.96
N LEU C 94 4.84 8.59 26.86
CA LEU C 94 5.95 8.09 26.06
C LEU C 94 7.17 7.88 26.93
N PHE C 95 7.39 8.78 27.87
CA PHE C 95 8.59 8.70 28.68
C PHE C 95 8.51 7.54 29.65
N LYS C 96 7.31 7.18 30.09
CA LYS C 96 7.09 6.00 30.93
C LYS C 96 7.58 4.75 30.19
N VAL C 97 7.01 4.55 29.00
CA VAL C 97 7.32 3.40 28.18
C VAL C 97 8.68 3.46 27.51
N GLU C 98 9.20 4.67 27.28
CA GLU C 98 10.21 4.88 26.24
C GLU C 98 11.14 6.06 26.51
N SER C 99 12.38 5.94 26.03
CA SER C 99 13.33 7.04 26.01
C SER C 99 13.31 7.67 24.63
N VAL C 100 13.07 8.98 24.56
CA VAL C 100 12.65 9.58 23.30
C VAL C 100 12.85 11.11 23.26
N ASN C 101 12.93 11.66 22.05
CA ASN C 101 12.93 13.12 21.82
C ASN C 101 11.51 13.50 21.46
N CYS C 102 10.80 14.13 22.39
CA CYS C 102 9.39 14.39 22.18
C CYS C 102 9.17 15.83 21.86
N ILE C 103 9.27 16.19 20.58
CA ILE C 103 9.15 17.57 20.16
C ILE C 103 7.69 17.92 19.96
N CYS C 104 7.08 18.63 20.90
CA CYS C 104 5.84 19.33 20.55
C CYS C 104 6.09 20.46 19.54
N VAL C 105 5.13 20.68 18.64
CA VAL C 105 5.30 21.65 17.58
C VAL C 105 4.21 22.70 17.72
N ASP C 106 4.60 23.88 18.17
CA ASP C 106 3.68 24.99 18.32
C ASP C 106 3.63 25.78 17.00
N TRP C 107 2.43 26.18 16.62
CA TRP C 107 2.23 27.06 15.48
C TRP C 107 0.93 27.82 15.78
N LYS C 108 0.86 28.26 17.02
CA LYS C 108 -0.35 28.87 17.54
C LYS C 108 -0.60 30.22 16.93
N GLY C 109 0.46 30.79 16.34
CA GLY C 109 0.32 32.03 15.62
C GLY C 109 -0.44 31.78 14.34
N GLY C 110 -0.02 30.73 13.66
CA GLY C 110 -0.65 30.30 12.42
C GLY C 110 -2.04 29.72 12.58
N SER C 111 -2.30 29.10 13.73
CA SER C 111 -3.53 28.34 13.94
C SER C 111 -4.77 29.08 14.41
N ARG C 112 -4.63 30.34 14.79
CA ARG C 112 -5.77 31.02 15.40
C ARG C 112 -6.51 31.91 14.45
N THR C 113 -6.11 31.87 13.17
CA THR C 113 -6.74 32.67 12.13
C THR C 113 -8.03 32.02 11.65
N GLY C 114 -8.44 32.28 10.41
CA GLY C 114 -9.63 31.63 9.87
C GLY C 114 -9.38 30.17 9.52
N TYR C 115 -10.42 29.36 9.46
CA TYR C 115 -10.23 27.94 9.18
C TYR C 115 -9.50 27.72 7.83
N THR C 116 -10.07 28.27 6.76
CA THR C 116 -9.49 28.20 5.41
C THR C 116 -8.05 28.72 5.41
N GLN C 117 -7.86 29.89 6.02
CA GLN C 117 -6.51 30.39 6.33
C GLN C 117 -5.61 29.36 7.01
N ALA C 118 -6.03 28.85 8.18
CA ALA C 118 -5.22 27.94 8.97
C ALA C 118 -4.86 26.71 8.17
N SER C 119 -5.86 26.17 7.45
CA SER C 119 -5.68 25.02 6.55
C SER C 119 -4.68 25.34 5.47
N GLN C 120 -4.51 26.64 5.23
CA GLN C 120 -3.49 27.12 4.32
C GLN C 120 -2.06 27.21 4.91
N ASN C 121 -1.95 27.70 6.16
CA ASN C 121 -0.63 27.89 6.78
C ASN C 121 0.11 26.58 7.03
N ILE C 122 -0.67 25.53 7.27
CA ILE C 122 -0.14 24.17 7.51
C ILE C 122 0.96 23.75 6.54
N ARG C 123 0.99 24.35 5.34
CA ARG C 123 2.06 24.07 4.36
C ARG C 123 3.37 24.62 4.91
N ILE C 124 3.24 25.76 5.60
CA ILE C 124 4.37 26.35 6.25
C ILE C 124 4.76 25.49 7.40
N VAL C 125 3.75 25.10 8.20
CA VAL C 125 4.00 24.29 9.41
C VAL C 125 4.62 22.98 8.99
N GLY C 126 4.09 22.44 7.90
CA GLY C 126 4.64 21.26 7.27
C GLY C 126 6.08 21.51 6.86
N ALA C 127 6.29 22.62 6.15
CA ALA C 127 7.60 22.98 5.60
C ALA C 127 8.67 23.28 6.67
N GLU C 128 8.24 23.83 7.81
CA GLU C 128 9.11 23.99 8.96
C GLU C 128 9.55 22.64 9.50
N VAL C 129 8.58 21.81 9.88
CA VAL C 129 8.86 20.48 10.41
C VAL C 129 9.68 19.67 9.41
N ALA C 130 9.37 19.85 8.13
CA ALA C 130 10.12 19.21 7.05
C ALA C 130 11.60 19.67 7.01
N TYR C 131 11.80 20.99 7.15
CA TYR C 131 13.14 21.57 7.12
C TYR C 131 13.97 21.06 8.29
N PHE C 132 13.35 20.99 9.46
CA PHE C 132 13.99 20.49 10.68
C PHE C 132 14.56 19.06 10.52
N VAL C 133 13.75 18.18 9.93
CA VAL C 133 14.17 16.84 9.60
C VAL C 133 15.38 16.93 8.69
N GLU C 134 15.30 17.81 7.68
CA GLU C 134 16.40 18.07 6.74
C GLU C 134 17.73 18.32 7.45
N VAL C 135 17.80 19.37 8.27
CA VAL C 135 19.03 19.71 8.96
C VAL C 135 19.52 18.59 9.87
N LEU C 136 18.59 17.94 10.58
CA LEU C 136 18.90 16.74 11.36
C LEU C 136 19.66 15.77 10.47
N LYS C 137 19.03 15.42 9.35
CA LYS C 137 19.55 14.43 8.42
C LYS C 137 20.93 14.82 7.91
N SER C 138 21.04 15.99 7.29
CA SER C 138 22.25 16.36 6.54
C SER C 138 23.32 16.99 7.44
N SER C 139 22.92 17.98 8.22
CA SER C 139 23.88 18.66 9.08
C SER C 139 24.26 17.73 10.22
N LEU C 140 23.27 17.14 10.87
CA LEU C 140 23.52 16.38 12.08
C LEU C 140 23.75 14.90 11.85
N GLY C 141 23.20 14.37 10.76
CA GLY C 141 23.34 12.95 10.49
C GLY C 141 22.09 12.15 10.86
N TYR C 142 21.14 12.80 11.54
CA TYR C 142 20.02 12.09 12.14
C TYR C 142 18.99 11.65 11.10
N SER C 143 18.96 10.37 10.80
CA SER C 143 18.18 9.87 9.67
C SER C 143 16.68 10.10 9.82
N PRO C 144 16.03 10.54 8.73
CA PRO C 144 14.57 10.75 8.77
C PRO C 144 13.82 9.47 9.10
N SER C 145 14.55 8.35 9.06
CA SER C 145 14.06 7.09 9.61
C SER C 145 13.52 7.35 11.01
N ASN C 146 14.41 7.77 11.91
CA ASN C 146 14.13 7.78 13.34
C ASN C 146 13.05 8.76 13.75
N VAL C 147 12.51 9.48 12.78
CA VAL C 147 11.44 10.43 13.07
C VAL C 147 10.06 9.75 12.98
N HIS C 148 9.21 10.03 13.96
CA HIS C 148 7.81 9.72 13.88
C HIS C 148 7.06 11.04 14.13
N VAL C 149 6.20 11.44 13.20
CA VAL C 149 5.39 12.67 13.32
C VAL C 149 3.89 12.33 13.52
N ILE C 150 3.31 12.85 14.60
CA ILE C 150 1.91 12.64 14.98
C ILE C 150 1.20 13.99 14.88
N GLY C 151 0.04 14.05 14.24
CA GLY C 151 -0.61 15.33 14.15
C GLY C 151 -2.10 15.18 14.25
N HIS C 152 -2.77 16.20 14.75
CA HIS C 152 -4.19 16.08 15.01
C HIS C 152 -4.94 17.11 14.18
N SER C 153 -6.12 16.78 13.68
CA SER C 153 -6.84 17.67 12.77
C SER C 153 -5.92 18.18 11.65
N LEU C 154 -5.93 19.49 11.41
CA LEU C 154 -5.00 20.18 10.50
C LEU C 154 -3.58 19.68 10.64
N GLY C 155 -3.20 19.36 11.86
CA GLY C 155 -1.86 18.91 12.09
C GLY C 155 -1.47 17.65 11.35
N SER C 156 -2.42 16.75 11.11
CA SER C 156 -2.05 15.46 10.52
C SER C 156 -1.54 15.74 9.13
N HIS C 157 -2.29 16.61 8.46
CA HIS C 157 -1.92 17.19 7.17
C HIS C 157 -0.56 17.89 7.14
N ALA C 158 -0.31 18.80 8.09
CA ALA C 158 1.02 19.33 8.33
C ALA C 158 2.07 18.24 8.27
N ALA C 159 1.82 17.15 8.99
CA ALA C 159 2.76 16.03 8.98
C ALA C 159 2.87 15.47 7.58
N GLY C 160 1.78 15.58 6.82
CA GLY C 160 1.77 15.13 5.45
C GLY C 160 2.62 16.04 4.57
N GLU C 161 2.63 17.33 4.88
CA GLU C 161 3.56 18.26 4.24
C GLU C 161 4.95 17.80 4.56
N ALA C 162 5.27 17.72 5.85
CA ALA C 162 6.64 17.39 6.26
C ALA C 162 7.04 16.08 5.61
N GLY C 163 6.06 15.18 5.51
CA GLY C 163 6.29 13.88 4.92
C GLY C 163 6.56 13.98 3.44
N ARG C 164 5.69 14.69 2.76
CA ARG C 164 5.86 14.93 1.33
C ARG C 164 7.24 15.50 1.01
N ARG C 165 7.55 16.66 1.59
CA ARG C 165 8.79 17.38 1.30
C ARG C 165 9.99 16.50 1.61
N THR C 166 9.79 15.48 2.43
CA THR C 166 10.91 14.64 2.81
C THR C 166 10.95 13.41 1.92
N ASN C 167 10.21 13.47 0.82
CA ASN C 167 10.28 12.40 -0.16
C ASN C 167 9.80 11.11 0.50
N GLY C 168 8.93 11.26 1.49
CA GLY C 168 8.37 10.12 2.20
C GLY C 168 9.40 9.17 2.81
N THR C 169 10.33 9.73 3.58
CA THR C 169 11.36 8.92 4.18
C THR C 169 11.27 8.85 5.69
N ILE C 170 10.43 9.70 6.29
CA ILE C 170 10.14 9.57 7.73
C ILE C 170 9.41 8.25 8.04
N GLU C 171 9.81 7.63 9.15
CA GLU C 171 9.36 6.27 9.49
C GLU C 171 7.86 6.09 9.64
N ARG C 172 7.18 7.13 10.10
CA ARG C 172 5.79 7.01 10.50
C ARG C 172 5.09 8.37 10.61
N ILE C 173 3.85 8.43 10.16
CA ILE C 173 3.02 9.62 10.37
C ILE C 173 1.70 9.12 10.92
N THR C 174 1.20 9.76 11.97
CA THR C 174 0.02 9.27 12.63
C THR C 174 -1.02 10.34 12.55
N GLY C 175 -2.23 9.97 12.23
CA GLY C 175 -3.24 10.96 11.94
C GLY C 175 -4.35 10.90 12.96
N LEU C 176 -4.24 11.66 14.04
CA LEU C 176 -5.29 11.62 15.04
C LEU C 176 -6.45 12.42 14.50
N ASP C 177 -7.34 11.72 13.81
CA ASP C 177 -8.54 12.30 13.23
C ASP C 177 -8.23 13.55 12.38
N PRO C 178 -7.80 13.33 11.12
CA PRO C 178 -7.46 14.39 10.17
C PRO C 178 -8.63 15.28 9.85
N ALA C 179 -8.36 16.52 9.50
CA ALA C 179 -9.46 17.46 9.31
C ALA C 179 -10.07 17.17 7.96
N GLU C 180 -11.40 17.09 7.91
CA GLU C 180 -12.07 16.81 6.66
C GLU C 180 -12.03 18.03 5.77
N PRO C 181 -12.67 19.14 6.19
CA PRO C 181 -12.99 20.18 5.23
C PRO C 181 -11.73 20.69 4.52
N CYS C 182 -11.89 21.04 3.23
CA CYS C 182 -10.79 21.19 2.28
C CYS C 182 -9.55 20.36 2.50
N PHE C 183 -9.71 19.05 2.70
CA PHE C 183 -8.59 18.12 2.62
C PHE C 183 -9.08 16.75 2.16
N GLN C 184 -10.31 16.44 2.50
CA GLN C 184 -10.92 15.21 2.04
C GLN C 184 -11.39 15.53 0.66
N GLY C 185 -10.78 14.80 -0.28
CA GLY C 185 -10.99 15.04 -1.69
C GLY C 185 -9.58 15.20 -2.24
N THR C 186 -9.28 16.42 -2.65
CA THR C 186 -7.92 16.95 -2.73
C THR C 186 -6.78 15.94 -2.88
N PRO C 187 -5.96 16.10 -3.93
CA PRO C 187 -5.02 15.06 -4.29
C PRO C 187 -4.07 14.71 -3.18
N GLU C 188 -3.42 13.55 -3.31
CA GLU C 188 -2.30 13.16 -2.49
C GLU C 188 -1.46 14.36 -2.06
N LEU C 189 -1.32 15.32 -2.97
CA LEU C 189 -0.55 16.57 -2.77
C LEU C 189 -1.41 17.67 -2.16
N VAL C 190 -2.12 17.32 -1.10
CA VAL C 190 -2.71 18.31 -0.21
C VAL C 190 -2.88 17.61 1.11
N ARG C 191 -3.44 16.41 1.08
CA ARG C 191 -3.76 15.71 2.32
C ARG C 191 -2.68 14.76 2.75
N LEU C 192 -2.83 14.28 3.99
CA LEU C 192 -2.14 13.06 4.41
C LEU C 192 -2.62 11.89 3.53
N ASP C 193 -1.72 10.94 3.30
CA ASP C 193 -2.02 9.80 2.45
C ASP C 193 -0.74 8.96 2.50
N PRO C 194 -0.83 7.67 2.15
CA PRO C 194 0.21 6.75 2.62
C PRO C 194 1.59 7.07 2.04
N SER C 195 1.58 7.96 1.05
CA SER C 195 2.79 8.35 0.34
C SER C 195 3.73 9.22 1.16
N ASP C 196 3.18 9.92 2.17
CA ASP C 196 3.93 10.91 2.90
C ASP C 196 4.91 10.35 3.92
N ALA C 197 4.85 9.06 4.22
CA ALA C 197 5.89 8.46 5.03
C ALA C 197 5.92 6.97 4.77
N LYS C 198 6.93 6.32 5.34
CA LYS C 198 7.06 4.87 5.24
C LYS C 198 5.88 4.06 5.87
N PHE C 199 5.06 4.72 6.71
CA PHE C 199 3.91 4.07 7.35
C PHE C 199 3.02 5.15 7.91
N VAL C 200 1.78 5.17 7.45
CA VAL C 200 0.84 6.20 7.83
C VAL C 200 -0.37 5.54 8.46
N ASP C 201 -0.46 5.56 9.79
CA ASP C 201 -1.61 4.96 10.50
C ASP C 201 -2.54 6.00 11.08
N VAL C 202 -3.79 5.98 10.66
CA VAL C 202 -4.77 7.01 10.97
C VAL C 202 -5.79 6.48 12.00
N ILE C 203 -6.19 7.32 12.94
CA ILE C 203 -7.26 6.97 13.86
C ILE C 203 -8.42 7.87 13.60
N HIS C 204 -9.56 7.31 13.24
CA HIS C 204 -10.70 8.11 12.85
C HIS C 204 -11.65 8.17 14.01
N THR C 205 -11.69 9.29 14.73
CA THR C 205 -12.61 9.38 15.85
C THR C 205 -13.69 10.43 15.69
N ASP C 206 -13.87 10.97 14.49
CA ASP C 206 -15.01 11.87 14.22
C ASP C 206 -15.36 12.00 12.74
N ALA C 207 -15.34 10.87 12.02
CA ALA C 207 -15.79 10.84 10.63
C ALA C 207 -17.26 11.19 10.57
N ALA C 208 -17.83 11.12 9.37
CA ALA C 208 -19.26 11.29 9.22
C ALA C 208 -19.73 12.71 9.51
N PRO C 209 -20.62 13.19 8.63
CA PRO C 209 -20.29 14.31 7.75
C PRO C 209 -20.56 15.65 8.41
N ILE C 210 -19.68 16.60 8.13
CA ILE C 210 -19.81 17.98 8.57
C ILE C 210 -21.27 18.44 8.46
N ILE C 211 -21.89 18.10 7.34
CA ILE C 211 -23.34 18.28 7.17
C ILE C 211 -23.99 16.91 7.40
N PRO C 212 -25.06 16.85 8.21
CA PRO C 212 -25.44 17.98 9.05
C PRO C 212 -25.22 17.68 10.51
N ASN C 213 -24.33 16.74 10.79
CA ASN C 213 -24.13 16.30 12.17
C ASN C 213 -22.82 16.77 12.76
N LEU C 214 -22.17 17.68 12.02
CA LEU C 214 -21.08 18.51 12.55
C LEU C 214 -19.80 17.76 12.88
N GLY C 215 -19.42 16.82 12.03
CA GLY C 215 -18.16 16.12 12.24
C GLY C 215 -16.96 16.78 11.58
N PHE C 216 -15.94 17.12 12.35
CA PHE C 216 -14.74 17.68 11.76
C PHE C 216 -13.79 16.60 11.26
N GLY C 217 -14.20 15.34 11.36
CA GLY C 217 -13.29 14.25 11.05
C GLY C 217 -13.42 13.70 9.64
N MET C 218 -12.47 12.87 9.25
CA MET C 218 -12.38 12.40 7.87
C MET C 218 -13.00 11.01 7.68
N SER C 219 -14.07 10.93 6.88
CA SER C 219 -14.59 9.64 6.41
C SER C 219 -13.53 8.93 5.62
N GLN C 220 -13.11 9.57 4.53
CA GLN C 220 -12.03 9.10 3.67
C GLN C 220 -11.05 8.22 4.42
N THR C 221 -10.53 7.21 3.76
CA THR C 221 -9.37 6.53 4.30
C THR C 221 -8.20 7.49 4.11
N VAL C 222 -7.01 7.06 4.46
CA VAL C 222 -5.76 7.79 4.27
C VAL C 222 -4.82 6.84 4.97
N GLY C 223 -3.53 6.88 4.72
CA GLY C 223 -2.67 5.92 5.41
C GLY C 223 -2.94 4.44 5.19
N HIS C 224 -2.00 3.65 5.68
CA HIS C 224 -2.02 2.19 5.55
C HIS C 224 -3.14 1.58 6.41
N LEU C 225 -2.94 1.56 7.74
CA LEU C 225 -3.97 1.11 8.69
C LEU C 225 -4.95 2.25 8.93
N ASP C 226 -6.22 1.90 9.08
CA ASP C 226 -7.26 2.90 9.35
C ASP C 226 -8.32 2.51 10.34
N PHE C 227 -8.02 2.82 11.60
CA PHE C 227 -8.81 2.39 12.73
C PHE C 227 -10.01 3.29 12.89
N PHE C 228 -11.19 2.70 13.06
CA PHE C 228 -12.37 3.48 13.42
C PHE C 228 -12.95 3.10 14.79
N PRO C 229 -12.26 3.48 15.88
CA PRO C 229 -12.70 2.97 17.18
C PRO C 229 -14.15 3.41 17.38
N ASN C 230 -14.92 2.54 18.00
CA ASN C 230 -16.33 2.83 18.26
C ASN C 230 -17.04 3.17 16.96
N GLY C 231 -16.52 2.63 15.87
CA GLY C 231 -17.19 2.72 14.58
C GLY C 231 -16.97 4.04 13.87
N GLY C 232 -16.23 4.94 14.52
CA GLY C 232 -15.75 6.11 13.83
C GLY C 232 -16.52 7.38 14.05
N LYS C 233 -17.85 7.30 14.10
CA LYS C 233 -18.71 8.49 14.07
C LYS C 233 -19.14 9.08 15.42
N GLN C 234 -19.24 8.25 16.45
CA GLN C 234 -19.85 8.69 17.71
C GLN C 234 -19.08 8.08 18.85
N MET C 235 -18.09 8.81 19.34
CA MET C 235 -17.28 8.33 20.45
C MET C 235 -18.12 8.30 21.70
N PRO C 236 -18.04 7.18 22.43
CA PRO C 236 -18.76 7.01 23.67
C PRO C 236 -18.05 7.86 24.70
N GLY C 237 -18.85 8.48 25.58
CA GLY C 237 -18.30 9.43 26.53
C GLY C 237 -18.43 10.87 26.07
N CYS C 238 -19.24 11.09 25.02
CA CYS C 238 -19.41 12.40 24.40
C CYS C 238 -20.86 12.79 24.21
N GLN C 239 -21.77 12.07 24.85
CA GLN C 239 -23.17 12.45 24.72
C GLN C 239 -23.71 12.94 26.04
N LYS C 240 -22.79 13.29 26.95
CA LYS C 240 -23.15 13.71 28.29
C LYS C 240 -23.96 14.98 28.20
N ASN C 241 -24.78 15.24 29.21
CA ASN C 241 -25.40 16.54 29.38
C ASN C 241 -24.33 17.65 29.51
N ILE C 242 -24.76 18.89 29.21
CA ILE C 242 -23.85 20.02 29.01
C ILE C 242 -22.96 20.20 30.23
N LEU C 243 -23.62 20.22 31.38
CA LEU C 243 -23.00 20.38 32.69
C LEU C 243 -21.91 19.35 32.98
N SER C 244 -22.20 18.07 32.78
CA SER C 244 -21.23 17.00 32.99
C SER C 244 -20.06 16.98 32.00
N GLN C 245 -20.31 17.38 30.76
CA GLN C 245 -19.22 17.45 29.79
C GLN C 245 -18.24 18.57 30.10
N ILE C 246 -18.78 19.74 30.45
CA ILE C 246 -17.94 20.91 30.78
C ILE C 246 -17.20 20.75 32.11
N VAL C 247 -17.93 20.37 33.16
CA VAL C 247 -17.31 20.17 34.48
C VAL C 247 -16.69 18.78 34.63
N ASP C 248 -15.97 18.34 33.60
CA ASP C 248 -15.42 16.99 33.57
C ASP C 248 -14.22 16.86 34.49
N ILE C 249 -13.90 15.61 34.86
CA ILE C 249 -12.94 15.34 35.94
C ILE C 249 -11.49 15.77 35.68
N ASP C 250 -11.21 16.34 34.52
CA ASP C 250 -9.86 16.82 34.23
C ASP C 250 -9.84 18.32 34.17
N GLY C 251 -10.87 18.92 34.76
CA GLY C 251 -10.90 20.36 34.85
C GLY C 251 -11.80 20.93 33.79
N ILE C 252 -12.05 22.22 33.89
CA ILE C 252 -13.14 22.82 33.14
C ILE C 252 -12.65 23.48 31.85
N TRP C 253 -11.37 23.36 31.58
CA TRP C 253 -10.83 23.57 30.24
C TRP C 253 -11.14 22.35 29.36
N GLU C 254 -10.71 21.18 29.84
CA GLU C 254 -10.89 19.93 29.11
C GLU C 254 -12.33 19.65 28.78
N GLY C 255 -13.23 19.99 29.68
CA GLY C 255 -14.62 19.70 29.45
C GLY C 255 -15.22 20.66 28.46
N THR C 256 -14.58 21.81 28.25
CA THR C 256 -15.11 22.77 27.29
C THR C 256 -14.61 22.35 25.93
N ARG C 257 -13.33 22.04 25.85
CA ARG C 257 -12.77 21.46 24.64
C ARG C 257 -13.58 20.23 24.20
N ASP C 258 -13.85 19.33 25.15
CA ASP C 258 -14.74 18.21 24.86
C ASP C 258 -16.18 18.66 24.64
N PHE C 259 -16.55 19.79 25.22
CA PHE C 259 -17.85 20.36 24.90
C PHE C 259 -17.91 20.85 23.45
N VAL C 260 -16.75 21.20 22.89
CA VAL C 260 -16.71 21.82 21.56
C VAL C 260 -16.48 20.77 20.50
N ALA C 261 -15.39 20.02 20.64
CA ALA C 261 -15.08 18.95 19.71
C ALA C 261 -14.72 17.63 20.42
N CYS C 262 -15.66 17.10 21.21
CA CYS C 262 -15.44 15.88 22.00
C CYS C 262 -14.91 14.69 21.20
N ASN C 263 -15.67 14.33 20.16
CA ASN C 263 -15.42 13.12 19.36
C ASN C 263 -14.10 13.27 18.64
N HIS C 264 -13.94 14.50 18.14
CA HIS C 264 -12.77 14.92 17.38
C HIS C 264 -11.52 14.81 18.24
N LEU C 265 -11.64 15.22 19.50
CA LEU C 265 -10.48 15.30 20.39
C LEU C 265 -10.07 13.96 20.96
N ARG C 266 -11.02 13.04 21.02
CA ARG C 266 -10.77 11.70 21.56
C ARG C 266 -9.61 11.01 20.89
N SER C 267 -9.35 11.34 19.62
CA SER C 267 -8.24 10.76 18.89
C SER C 267 -6.92 10.80 19.64
N TYR C 268 -6.59 11.92 20.28
CA TYR C 268 -5.29 11.95 21.01
C TYR C 268 -5.39 11.40 22.45
N LYS C 269 -6.61 11.42 22.98
CA LYS C 269 -6.99 10.65 24.14
C LYS C 269 -6.59 9.18 23.92
N TYR C 270 -7.20 8.51 22.94
CA TYR C 270 -6.93 7.09 22.69
C TYR C 270 -5.45 6.84 22.40
N TYR C 271 -4.84 7.76 21.67
CA TYR C 271 -3.43 7.63 21.40
C TYR C 271 -2.66 7.64 22.71
N ALA C 272 -3.09 8.49 23.64
CA ALA C 272 -2.26 8.73 24.83
C ALA C 272 -2.19 7.47 25.65
N ASP C 273 -3.36 6.85 25.86
CA ASP C 273 -3.49 5.65 26.69
C ASP C 273 -2.76 4.46 26.09
N SER C 274 -2.96 4.26 24.79
CA SER C 274 -2.36 3.14 24.08
C SER C 274 -0.85 3.09 24.26
N ILE C 275 -0.25 4.17 24.72
CA ILE C 275 1.18 4.11 24.97
C ILE C 275 1.44 3.11 26.09
N LEU C 276 0.52 3.11 27.06
CA LEU C 276 0.69 2.43 28.32
C LEU C 276 0.05 1.06 28.36
N ASN C 277 -1.06 0.92 27.63
CA ASN C 277 -1.68 -0.39 27.40
C ASN C 277 -1.32 -0.97 26.03
N PRO C 278 -0.19 -1.70 25.93
CA PRO C 278 0.27 -2.18 24.63
C PRO C 278 -0.66 -3.18 23.93
N ASP C 279 -1.68 -3.67 24.63
CA ASP C 279 -2.53 -4.75 24.14
C ASP C 279 -4.01 -4.39 24.25
N GLY C 280 -4.28 -3.19 24.74
CA GLY C 280 -5.65 -2.83 25.07
C GLY C 280 -6.47 -2.21 23.94
N PHE C 281 -5.96 -2.31 22.72
CA PHE C 281 -6.55 -1.59 21.60
C PHE C 281 -6.62 -2.35 20.29
N ALA C 282 -6.34 -3.65 20.34
CA ALA C 282 -6.53 -4.57 19.20
C ALA C 282 -7.72 -4.22 18.29
N GLY C 283 -7.48 -4.15 16.98
CA GLY C 283 -8.53 -3.81 16.02
C GLY C 283 -8.90 -4.97 15.09
N PHE C 284 -10.12 -4.95 14.54
CA PHE C 284 -10.71 -6.13 13.89
C PHE C 284 -11.18 -5.80 12.48
N PRO C 285 -10.62 -6.50 11.50
CA PRO C 285 -11.14 -6.36 10.15
C PRO C 285 -12.59 -6.75 10.11
N CYS C 286 -13.40 -5.97 9.40
CA CYS C 286 -14.80 -6.33 9.22
C CYS C 286 -15.38 -5.51 8.09
N ASP C 287 -16.46 -6.01 7.53
CA ASP C 287 -17.01 -5.44 6.33
C ASP C 287 -17.77 -4.17 6.68
N SER C 288 -17.74 -3.83 7.96
CA SER C 288 -18.57 -2.74 8.48
C SER C 288 -18.27 -2.53 9.95
N TYR C 289 -18.99 -1.61 10.57
CA TYR C 289 -18.99 -1.54 12.02
C TYR C 289 -20.19 -2.29 12.53
N ASN C 290 -21.35 -2.01 11.94
CA ASN C 290 -22.55 -2.75 12.25
C ASN C 290 -22.34 -4.27 12.25
N VAL C 291 -21.67 -4.81 11.23
CA VAL C 291 -21.35 -6.24 11.19
C VAL C 291 -20.47 -6.67 12.39
N PHE C 292 -19.61 -5.77 12.86
CA PHE C 292 -18.77 -6.01 14.05
C PHE C 292 -19.59 -6.06 15.36
N THR C 293 -20.43 -5.05 15.56
CA THR C 293 -21.30 -5.04 16.72
C THR C 293 -22.27 -6.21 16.60
N ALA C 294 -22.61 -6.57 15.36
CA ALA C 294 -23.44 -7.73 15.07
C ALA C 294 -22.64 -9.00 15.29
N ASN C 295 -21.49 -8.85 15.93
CA ASN C 295 -20.82 -9.99 16.54
C ASN C 295 -20.47 -11.04 15.50
N LYS C 296 -20.09 -10.57 14.32
CA LYS C 296 -19.85 -11.46 13.20
C LYS C 296 -18.41 -11.54 12.75
N CYS C 297 -17.45 -11.06 13.55
CA CYS C 297 -16.05 -11.17 13.14
C CYS C 297 -14.95 -10.99 14.18
N PHE C 298 -14.85 -12.05 15.00
CA PHE C 298 -13.94 -12.17 16.13
C PHE C 298 -13.42 -13.60 15.97
N PRO C 299 -12.30 -13.96 16.60
CA PRO C 299 -11.25 -13.17 17.25
C PRO C 299 -10.38 -12.49 16.20
N CYS C 300 -9.13 -12.20 16.56
CA CYS C 300 -8.21 -11.58 15.62
C CYS C 300 -7.78 -12.58 14.56
N PRO C 301 -7.79 -12.16 13.28
CA PRO C 301 -7.09 -12.82 12.17
C PRO C 301 -5.70 -13.37 12.49
N SER C 302 -5.36 -14.44 11.78
CA SER C 302 -4.20 -15.26 12.11
C SER C 302 -2.87 -14.50 12.16
N GLU C 303 -2.82 -13.39 11.41
CA GLU C 303 -1.66 -12.51 11.38
C GLU C 303 -1.55 -11.67 12.67
N GLY C 304 -2.68 -11.15 13.11
CA GLY C 304 -2.76 -10.37 14.33
C GLY C 304 -3.94 -9.43 14.20
N CYS C 305 -4.24 -8.70 15.27
CA CYS C 305 -4.90 -7.40 15.12
C CYS C 305 -3.83 -6.35 15.23
N PRO C 306 -3.87 -5.33 14.34
CA PRO C 306 -3.25 -4.07 14.73
C PRO C 306 -3.74 -3.59 16.11
N GLN C 307 -2.80 -3.16 16.94
CA GLN C 307 -3.12 -2.26 18.05
C GLN C 307 -3.35 -0.87 17.47
N MET C 308 -4.54 -0.31 17.69
CA MET C 308 -4.74 1.12 17.44
C MET C 308 -3.87 2.03 18.32
N GLY C 309 -3.36 3.09 17.71
CA GLY C 309 -2.56 4.06 18.46
C GLY C 309 -1.09 3.74 18.43
N HIS C 310 -0.44 3.84 19.59
CA HIS C 310 1.01 3.90 19.59
C HIS C 310 1.71 2.68 18.99
N TYR C 311 1.01 1.56 18.88
CA TYR C 311 1.67 0.31 18.50
C TYR C 311 1.25 -0.28 17.15
N ALA C 312 0.49 0.50 16.38
CA ALA C 312 0.09 0.09 15.05
C ALA C 312 1.31 -0.20 14.19
N ASP C 313 2.47 0.31 14.62
CA ASP C 313 3.69 0.20 13.85
C ASP C 313 4.31 -1.17 13.90
N ARG C 314 3.72 -2.04 14.71
CA ARG C 314 4.29 -3.38 14.93
C ARG C 314 3.42 -4.51 14.38
N PHE C 315 2.24 -4.13 13.86
CA PHE C 315 1.44 -5.00 13.02
C PHE C 315 2.34 -5.61 11.98
N PRO C 316 2.21 -6.91 11.73
CA PRO C 316 2.98 -7.43 10.59
C PRO C 316 2.37 -7.07 9.23
N GLY C 317 1.06 -7.20 9.10
CA GLY C 317 0.43 -6.93 7.82
C GLY C 317 0.26 -5.44 7.58
N LYS C 318 1.33 -4.69 7.82
CA LYS C 318 1.23 -3.25 8.09
C LYS C 318 1.26 -2.42 6.82
N THR C 319 2.43 -2.38 6.17
CA THR C 319 2.59 -1.65 4.93
C THR C 319 1.99 -2.46 3.79
N ASN C 320 1.68 -3.72 4.07
CA ASN C 320 1.25 -4.66 3.05
C ASN C 320 -0.12 -4.32 2.44
N GLY C 321 -0.44 -3.05 2.46
CA GLY C 321 -1.53 -2.57 1.64
C GLY C 321 -1.81 -1.12 1.96
N VAL C 322 -3.02 -0.67 1.68
CA VAL C 322 -3.36 0.73 1.78
C VAL C 322 -4.88 0.86 2.02
N SER C 323 -5.25 1.56 3.10
CA SER C 323 -6.64 1.71 3.50
C SER C 323 -7.25 0.43 4.09
N GLN C 324 -6.42 -0.37 4.77
CA GLN C 324 -6.91 -1.44 5.63
C GLN C 324 -7.70 -0.83 6.79
N VAL C 325 -9.01 -1.00 6.86
CA VAL C 325 -9.73 -0.53 8.03
C VAL C 325 -9.98 -1.60 9.10
N PHE C 326 -10.03 -1.15 10.35
CA PHE C 326 -10.17 -2.03 11.51
C PHE C 326 -11.09 -1.42 12.54
N TYR C 327 -11.78 -2.25 13.30
CA TYR C 327 -12.71 -1.76 14.27
C TYR C 327 -12.32 -2.35 15.60
N LEU C 328 -12.39 -1.48 16.59
CA LEU C 328 -12.30 -1.88 17.99
C LEU C 328 -13.28 -1.00 18.75
N ASN C 329 -13.55 -1.40 20.00
CA ASN C 329 -14.30 -0.57 20.92
C ASN C 329 -13.41 -0.10 22.06
N THR C 330 -13.68 1.11 22.52
CA THR C 330 -12.83 1.71 23.51
C THR C 330 -13.69 2.14 24.65
N GLY C 331 -13.05 2.53 25.76
CA GLY C 331 -13.78 2.94 26.94
C GLY C 331 -14.57 4.21 26.75
N ASP C 332 -15.06 4.78 27.84
CA ASP C 332 -15.76 6.04 27.72
C ASP C 332 -15.01 7.09 28.49
N ALA C 333 -13.96 6.65 29.17
CA ALA C 333 -13.14 7.57 29.92
C ALA C 333 -11.78 7.00 30.26
N SER C 334 -11.00 7.76 31.01
CA SER C 334 -9.67 8.02 30.55
C SER C 334 -8.62 7.03 30.91
N ASN C 335 -9.04 5.81 31.25
CA ASN C 335 -8.46 4.67 30.53
C ASN C 335 -9.44 4.03 29.60
N PHE C 336 -9.02 3.95 28.34
CA PHE C 336 -9.93 3.63 27.25
C PHE C 336 -9.70 2.20 26.72
N ALA C 337 -8.56 1.62 27.08
CA ALA C 337 -8.26 0.21 26.84
C ALA C 337 -9.41 -0.77 27.15
N ARG C 338 -9.70 -1.64 26.20
CA ARG C 338 -10.72 -2.67 26.35
C ARG C 338 -10.13 -3.96 25.79
N TRP C 339 -10.79 -5.07 26.11
CA TRP C 339 -10.33 -6.37 25.67
C TRP C 339 -11.54 -7.24 25.33
N ARG C 340 -11.70 -7.53 24.04
CA ARG C 340 -12.91 -8.21 23.57
C ARG C 340 -12.75 -9.71 23.85
N TYR C 341 -13.81 -10.28 24.39
CA TYR C 341 -13.88 -11.72 24.66
C TYR C 341 -15.24 -12.15 24.13
N LYS C 342 -15.32 -13.37 23.62
CA LYS C 342 -16.61 -13.90 23.21
C LYS C 342 -17.00 -14.99 24.18
N VAL C 343 -18.20 -14.87 24.71
CA VAL C 343 -18.70 -15.86 25.63
C VAL C 343 -20.05 -16.42 25.17
N SER C 344 -20.11 -17.75 25.13
CA SER C 344 -21.34 -18.48 24.84
C SER C 344 -21.71 -19.35 26.04
N VAL C 345 -22.95 -19.24 26.48
CA VAL C 345 -23.43 -20.01 27.63
C VAL C 345 -24.58 -20.94 27.21
N THR C 346 -24.55 -22.16 27.76
CA THR C 346 -25.65 -23.09 27.55
C THR C 346 -26.38 -23.41 28.86
N LEU C 347 -27.71 -23.24 28.81
CA LEU C 347 -28.51 -23.10 30.02
C LEU C 347 -29.08 -24.43 30.53
N SER C 348 -29.09 -24.57 31.86
CA SER C 348 -29.81 -25.65 32.52
C SER C 348 -30.86 -25.00 33.41
N GLY C 349 -31.57 -25.82 34.19
CA GLY C 349 -32.68 -25.33 35.00
C GLY C 349 -33.93 -25.41 34.15
N LYS C 350 -34.90 -24.53 34.34
CA LYS C 350 -36.05 -24.52 33.43
C LYS C 350 -36.50 -23.13 33.02
N LYS C 351 -37.37 -23.11 32.02
CA LYS C 351 -37.85 -21.89 31.38
C LYS C 351 -38.14 -20.79 32.37
N VAL C 352 -37.40 -19.70 32.25
CA VAL C 352 -37.60 -18.51 33.07
C VAL C 352 -37.31 -17.31 32.16
N THR C 353 -37.76 -16.14 32.55
CA THR C 353 -37.49 -14.96 31.73
C THR C 353 -36.55 -14.10 32.52
N GLY C 354 -35.56 -13.54 31.84
CA GLY C 354 -34.51 -12.80 32.54
C GLY C 354 -33.20 -12.69 31.79
N HIS C 355 -32.16 -12.19 32.47
CA HIS C 355 -30.87 -11.86 31.84
C HIS C 355 -29.88 -12.88 32.33
N ILE C 356 -29.00 -13.35 31.44
CA ILE C 356 -27.80 -14.05 31.90
C ILE C 356 -26.61 -13.12 31.92
N LEU C 357 -25.53 -13.53 32.58
CA LEU C 357 -24.49 -12.59 32.98
C LEU C 357 -23.29 -13.40 33.47
N VAL C 358 -22.12 -13.15 32.90
CA VAL C 358 -20.97 -14.01 33.12
C VAL C 358 -19.81 -13.11 33.54
N SER C 359 -18.88 -13.63 34.34
CA SER C 359 -17.72 -12.85 34.72
C SER C 359 -16.53 -13.78 34.74
N LEU C 360 -15.41 -13.29 34.24
CA LEU C 360 -14.30 -14.16 33.86
C LEU C 360 -13.29 -14.04 34.95
N PHE C 361 -12.57 -15.12 35.24
CA PHE C 361 -11.48 -15.08 36.21
C PHE C 361 -10.29 -15.71 35.57
N GLY C 362 -9.12 -15.13 35.78
CA GLY C 362 -7.94 -15.60 35.09
C GLY C 362 -6.69 -15.24 35.86
N ASN C 363 -5.55 -15.79 35.47
CA ASN C 363 -4.36 -15.65 36.28
C ASN C 363 -3.93 -14.19 36.46
N GLU C 364 -4.49 -13.29 35.66
CA GLU C 364 -4.14 -11.89 35.78
C GLU C 364 -5.08 -11.19 36.75
N GLY C 365 -6.36 -11.52 36.65
CA GLY C 365 -7.35 -10.89 37.50
C GLY C 365 -8.75 -11.26 37.02
N ASN C 366 -9.76 -10.51 37.42
CA ASN C 366 -11.10 -10.88 37.02
C ASN C 366 -11.96 -9.70 36.54
N SER C 367 -13.06 -10.02 35.88
CA SER C 367 -13.78 -9.06 35.08
C SER C 367 -15.04 -8.64 35.77
N ARG C 368 -15.64 -7.55 35.32
CA ARG C 368 -16.99 -7.18 35.74
C ARG C 368 -17.95 -8.32 35.36
N GLN C 369 -19.23 -8.08 35.54
CA GLN C 369 -20.20 -9.02 35.05
C GLN C 369 -20.76 -8.46 33.76
N TYR C 370 -20.41 -9.09 32.65
CA TYR C 370 -21.00 -8.68 31.39
C TYR C 370 -22.22 -9.51 31.04
N GLU C 371 -23.30 -8.83 30.70
CA GLU C 371 -24.47 -9.47 30.13
C GLU C 371 -24.04 -10.41 28.98
N ILE C 372 -24.92 -11.30 28.54
CA ILE C 372 -24.62 -12.19 27.43
C ILE C 372 -25.87 -12.40 26.59
N TYR C 373 -27.01 -12.53 27.25
CA TYR C 373 -28.30 -12.57 26.57
C TYR C 373 -29.34 -12.07 27.58
N LYS C 374 -30.56 -11.83 27.11
CA LYS C 374 -31.66 -11.46 28.00
C LYS C 374 -32.98 -11.73 27.27
N GLY C 375 -33.88 -12.47 27.93
CA GLY C 375 -35.13 -12.86 27.29
C GLY C 375 -35.68 -14.12 27.93
N THR C 376 -36.32 -14.98 27.14
CA THR C 376 -36.76 -16.29 27.61
C THR C 376 -35.54 -17.18 27.82
N LEU C 377 -35.05 -17.25 29.05
CA LEU C 377 -34.03 -18.24 29.42
C LEU C 377 -34.75 -19.58 29.48
N GLN C 378 -34.09 -20.63 29.02
CA GLN C 378 -34.70 -21.95 29.01
C GLN C 378 -33.69 -22.97 28.55
N PRO C 379 -33.76 -24.20 29.10
CA PRO C 379 -32.60 -25.09 29.19
C PRO C 379 -32.25 -25.69 27.84
N ASP C 380 -30.95 -25.73 27.57
CA ASP C 380 -30.35 -26.37 26.39
C ASP C 380 -30.08 -25.43 25.23
N ASN C 381 -30.76 -24.28 25.20
CA ASN C 381 -30.36 -23.19 24.30
C ASN C 381 -28.96 -22.74 24.66
N THR C 382 -28.12 -22.63 23.63
CA THR C 382 -26.85 -21.96 23.75
C THR C 382 -26.99 -20.53 23.26
N HIS C 383 -26.50 -19.60 24.06
CA HIS C 383 -26.60 -18.18 23.76
C HIS C 383 -25.22 -17.56 23.79
N SER C 384 -25.01 -16.54 22.96
CA SER C 384 -23.68 -15.95 22.91
C SER C 384 -23.65 -14.48 22.69
N ASP C 385 -22.50 -13.93 23.01
CA ASP C 385 -22.23 -12.55 22.73
C ASP C 385 -20.75 -12.33 22.99
N GLU C 386 -20.24 -11.21 22.51
CA GLU C 386 -18.92 -10.79 22.91
C GLU C 386 -19.02 -9.37 23.43
N PHE C 387 -18.12 -9.05 24.34
CA PHE C 387 -18.23 -7.87 25.15
C PHE C 387 -16.84 -7.31 25.37
N ASP C 388 -16.72 -6.03 25.69
CA ASP C 388 -15.40 -5.40 25.72
C ASP C 388 -14.97 -5.18 27.16
N SER C 389 -14.44 -6.23 27.73
CA SER C 389 -14.10 -6.28 29.14
C SER C 389 -13.13 -5.13 29.42
N ASP C 390 -13.32 -4.41 30.51
CA ASP C 390 -12.32 -3.42 30.88
C ASP C 390 -11.25 -3.99 31.78
N VAL C 391 -11.18 -5.32 31.83
CA VAL C 391 -10.06 -5.99 32.50
C VAL C 391 -9.52 -7.10 31.62
N GLU C 392 -8.21 -7.16 31.47
CA GLU C 392 -7.66 -8.26 30.72
C GLU C 392 -7.37 -9.31 31.74
N VAL C 393 -8.19 -10.37 31.72
CA VAL C 393 -8.12 -11.42 32.73
C VAL C 393 -6.90 -12.29 32.56
N GLY C 394 -6.45 -12.40 31.32
CA GLY C 394 -5.29 -13.22 31.02
C GLY C 394 -5.73 -14.61 30.66
N ASP C 395 -5.00 -15.60 31.15
CA ASP C 395 -5.35 -16.98 30.90
C ASP C 395 -6.40 -17.39 31.90
N LEU C 396 -7.59 -17.70 31.39
CA LEU C 396 -8.72 -18.04 32.25
C LEU C 396 -8.50 -19.29 33.12
N GLN C 397 -8.91 -19.20 34.38
CA GLN C 397 -9.03 -20.38 35.23
C GLN C 397 -10.50 -20.78 35.49
N LYS C 398 -11.36 -19.81 35.78
CA LYS C 398 -12.77 -20.13 35.97
C LYS C 398 -13.64 -19.05 35.32
N VAL C 399 -14.95 -19.27 35.35
CA VAL C 399 -15.92 -18.20 35.13
C VAL C 399 -17.08 -18.37 36.11
N LYS C 400 -17.97 -17.38 36.17
CA LYS C 400 -19.17 -17.51 36.97
C LYS C 400 -20.35 -17.03 36.20
N PHE C 401 -21.53 -17.44 36.64
CA PHE C 401 -22.77 -17.22 35.90
C PHE C 401 -23.74 -16.64 36.93
N ILE C 402 -24.67 -15.80 36.49
CA ILE C 402 -25.63 -15.18 37.41
C ILE C 402 -26.77 -14.67 36.55
N TRP C 403 -27.97 -14.73 37.09
CA TRP C 403 -29.14 -14.37 36.30
C TRP C 403 -30.11 -13.59 37.15
N TYR C 404 -31.11 -12.94 36.55
CA TYR C 404 -32.02 -12.09 37.31
C TYR C 404 -33.32 -11.66 36.64
N ASN C 405 -34.27 -11.30 37.50
CA ASN C 405 -35.48 -10.54 37.17
C ASN C 405 -36.60 -11.35 36.54
N VAL C 406 -36.73 -12.60 36.97
CA VAL C 406 -38.04 -13.27 37.08
C VAL C 406 -37.98 -14.40 38.12
N ILE C 407 -38.53 -14.13 39.29
CA ILE C 407 -38.84 -15.18 40.25
C ILE C 407 -40.26 -15.02 40.75
N ASN C 408 -41.08 -16.05 40.55
CA ASN C 408 -42.24 -16.21 41.40
C ASN C 408 -41.69 -16.62 42.76
N PRO C 409 -42.54 -16.60 43.80
CA PRO C 409 -42.30 -17.48 44.94
C PRO C 409 -41.78 -18.88 44.58
N THR C 410 -42.09 -19.35 43.38
CA THR C 410 -41.50 -20.58 42.82
C THR C 410 -40.02 -20.74 43.17
N LEU C 411 -39.27 -19.65 43.11
CA LEU C 411 -37.82 -19.69 43.20
C LEU C 411 -37.21 -20.61 42.13
N PRO C 412 -37.50 -20.33 40.85
CA PRO C 412 -36.95 -21.12 39.75
C PRO C 412 -35.44 -21.18 39.87
N ARG C 413 -34.83 -22.15 39.21
CA ARG C 413 -33.38 -22.17 39.13
C ARG C 413 -32.93 -22.34 37.69
N VAL C 414 -31.86 -21.60 37.34
CA VAL C 414 -31.27 -21.61 36.01
C VAL C 414 -29.78 -21.80 36.20
N GLY C 415 -29.10 -22.37 35.19
CA GLY C 415 -27.67 -22.63 35.31
C GLY C 415 -27.00 -22.72 33.97
N ALA C 416 -25.76 -23.19 33.94
CA ALA C 416 -25.02 -23.25 32.70
C ALA C 416 -24.23 -24.54 32.65
N SER C 417 -24.57 -25.44 31.72
CA SER C 417 -23.85 -26.72 31.59
C SER C 417 -22.41 -26.43 31.18
N LYS C 418 -22.30 -25.59 30.15
CA LYS C 418 -21.00 -25.19 29.65
C LYS C 418 -21.06 -23.73 29.24
N ILE C 419 -19.99 -23.01 29.59
CA ILE C 419 -19.63 -21.74 28.96
C ILE C 419 -18.23 -21.86 28.35
N THR C 420 -18.09 -21.52 27.08
CA THR C 420 -16.74 -21.40 26.50
C THR C 420 -16.45 -19.93 26.17
N VAL C 421 -15.28 -19.49 26.63
CA VAL C 421 -14.79 -18.14 26.42
C VAL C 421 -13.70 -18.19 25.35
N GLU C 422 -13.85 -17.39 24.30
CA GLU C 422 -12.77 -17.20 23.34
C GLU C 422 -12.14 -15.80 23.47
N ARG C 423 -10.89 -15.75 23.95
CA ARG C 423 -10.02 -14.58 23.82
C ARG C 423 -9.93 -14.05 22.37
N ASN C 424 -9.54 -12.79 22.16
CA ASN C 424 -9.25 -12.31 20.80
C ASN C 424 -8.04 -13.04 20.20
N ASP C 425 -7.18 -13.56 21.08
CA ASP C 425 -6.15 -14.55 20.75
C ASP C 425 -6.64 -15.62 19.78
N GLY C 426 -7.80 -16.20 20.08
CA GLY C 426 -8.31 -17.29 19.26
C GLY C 426 -8.61 -18.49 20.11
N LYS C 427 -7.81 -18.69 21.18
CA LYS C 427 -8.07 -19.71 22.20
C LYS C 427 -9.55 -19.77 22.59
N VAL C 428 -10.00 -21.00 22.84
CA VAL C 428 -11.30 -21.23 23.43
C VAL C 428 -11.03 -22.00 24.70
N TYR C 429 -11.64 -21.52 25.76
CA TYR C 429 -11.55 -22.17 27.06
C TYR C 429 -12.94 -22.70 27.35
N ASP C 430 -12.98 -23.93 27.86
CA ASP C 430 -14.24 -24.59 28.13
C ASP C 430 -14.48 -24.73 29.63
N PHE C 431 -15.72 -24.44 30.02
CA PHE C 431 -16.12 -24.40 31.43
C PHE C 431 -17.48 -25.09 31.60
N CYS C 432 -17.58 -26.00 32.56
CA CYS C 432 -18.76 -26.83 32.70
C CYS C 432 -19.26 -26.93 34.15
N SER C 433 -20.57 -27.06 34.31
CA SER C 433 -21.17 -27.42 35.59
C SER C 433 -22.53 -28.08 35.33
N GLN C 434 -22.96 -28.93 36.26
CA GLN C 434 -24.32 -29.46 36.18
C GLN C 434 -25.22 -28.86 37.27
N GLU C 435 -24.68 -27.86 37.98
CA GLU C 435 -25.44 -27.10 38.98
C GLU C 435 -26.49 -26.20 38.33
N THR C 436 -27.54 -25.88 39.08
CA THR C 436 -28.31 -24.69 38.82
C THR C 436 -28.18 -23.79 40.04
N VAL C 437 -28.65 -22.55 39.91
CA VAL C 437 -28.70 -21.56 41.00
C VAL C 437 -29.98 -20.73 40.82
N ARG C 438 -30.43 -20.07 41.88
CA ARG C 438 -31.62 -19.21 41.78
C ARG C 438 -31.13 -17.80 41.59
N GLU C 439 -32.03 -16.87 41.26
CA GLU C 439 -31.58 -15.57 40.73
C GLU C 439 -30.78 -14.71 41.71
N GLU C 440 -29.90 -13.89 41.14
CA GLU C 440 -28.89 -13.19 41.90
C GLU C 440 -27.98 -14.10 42.71
N VAL C 441 -27.69 -15.28 42.18
CA VAL C 441 -26.63 -16.12 42.77
C VAL C 441 -25.49 -16.55 41.83
N LEU C 442 -24.27 -16.45 42.34
CA LEU C 442 -23.08 -16.68 41.53
C LEU C 442 -22.65 -18.14 41.46
N LEU C 443 -23.11 -18.85 40.42
CA LEU C 443 -22.60 -20.20 40.08
C LEU C 443 -21.19 -20.11 39.47
N THR C 444 -20.17 -20.65 40.11
CA THR C 444 -18.91 -20.78 39.38
C THR C 444 -18.86 -22.06 38.54
N LEU C 445 -18.51 -21.93 37.25
CA LEU C 445 -18.18 -23.12 36.44
C LEU C 445 -16.68 -23.35 36.44
N ASN C 446 -16.27 -24.59 36.33
CA ASN C 446 -14.84 -24.88 36.30
C ASN C 446 -14.47 -25.42 34.94
N PRO C 447 -13.16 -25.44 34.63
CA PRO C 447 -12.76 -26.03 33.36
C PRO C 447 -13.18 -27.50 33.35
N CYS C 448 -14.00 -27.88 32.39
CA CYS C 448 -14.12 -29.29 32.10
C CYS C 448 -12.91 -29.62 31.23
N PRO D 4 -22.23 18.48 43.16
CA PRO D 4 -22.54 18.80 41.77
C PRO D 4 -24.02 18.55 41.46
N ARG D 5 -24.68 19.54 40.88
CA ARG D 5 -26.11 19.41 40.62
C ARG D 5 -26.35 18.30 39.60
N GLY D 6 -27.55 17.72 39.64
CA GLY D 6 -27.83 16.56 38.85
C GLY D 6 -29.29 16.55 38.48
N ILE D 7 -30.14 16.38 39.47
CA ILE D 7 -31.55 16.75 39.41
C ILE D 7 -32.39 16.13 38.27
N ILE D 8 -31.83 15.12 37.63
CA ILE D 8 -32.52 14.40 36.58
C ILE D 8 -32.23 12.90 36.81
N ILE D 9 -33.01 12.02 36.18
CA ILE D 9 -32.99 10.61 36.52
C ILE D 9 -32.42 9.70 35.42
N ASN D 10 -31.74 8.63 35.84
CA ASN D 10 -31.16 7.62 34.95
C ASN D 10 -29.92 8.07 34.21
N LEU D 11 -28.94 8.55 34.98
CA LEU D 11 -27.74 9.16 34.42
C LEU D 11 -26.68 8.13 34.06
N ASP D 12 -25.98 8.37 32.95
CA ASP D 12 -24.82 7.57 32.57
C ASP D 12 -23.67 7.71 33.55
N GLU D 13 -22.68 6.85 33.42
CA GLU D 13 -21.44 7.00 34.19
C GLU D 13 -20.81 8.30 33.76
N GLY D 14 -20.09 8.94 34.68
CA GLY D 14 -19.45 10.20 34.36
C GLY D 14 -20.37 11.41 34.39
N GLU D 15 -21.68 11.21 34.26
CA GLU D 15 -22.62 12.29 34.47
C GLU D 15 -22.59 12.74 35.93
N LEU D 16 -23.25 13.86 36.21
CA LEU D 16 -23.18 14.51 37.52
C LEU D 16 -24.37 14.04 38.36
N CYS D 17 -24.14 13.82 39.65
CA CYS D 17 -25.19 13.31 40.54
C CYS D 17 -25.05 13.84 41.96
N LEU D 18 -26.18 14.16 42.57
CA LEU D 18 -26.24 14.44 44.00
C LEU D 18 -26.39 13.14 44.83
N ASN D 19 -26.78 12.06 44.15
CA ASN D 19 -27.23 10.85 44.83
C ASN D 19 -27.40 9.62 43.90
N SER D 20 -27.09 8.44 44.45
CA SER D 20 -27.13 7.19 43.72
C SER D 20 -28.48 6.82 43.10
N ALA D 21 -29.55 7.46 43.52
CA ALA D 21 -30.84 7.06 43.01
C ALA D 21 -30.96 7.51 41.56
N GLN D 22 -30.16 8.51 41.19
CA GLN D 22 -30.19 9.11 39.85
C GLN D 22 -29.42 8.28 38.83
N CYS D 23 -28.23 7.80 39.22
CA CYS D 23 -27.40 6.98 38.34
C CYS D 23 -28.07 5.69 37.89
N LYS D 24 -27.80 5.31 36.65
CA LYS D 24 -28.28 4.04 36.13
C LYS D 24 -27.61 2.93 36.93
N SER D 25 -26.32 3.10 37.19
CA SER D 25 -25.59 2.14 37.98
C SER D 25 -26.13 2.05 39.39
N ASN D 26 -26.77 3.12 39.84
CA ASN D 26 -27.18 3.23 41.21
C ASN D 26 -25.97 3.17 42.13
N CYS D 27 -24.88 3.76 41.67
CA CYS D 27 -23.79 4.16 42.55
C CYS D 27 -23.34 5.55 42.13
N CYS D 28 -23.53 6.52 43.01
CA CYS D 28 -23.10 7.89 42.80
C CYS D 28 -21.82 8.09 43.60
N GLN D 29 -20.69 7.85 42.98
CA GLN D 29 -19.43 7.82 43.69
C GLN D 29 -18.75 9.16 43.61
N HIS D 30 -17.81 9.41 44.51
CA HIS D 30 -16.88 10.55 44.44
C HIS D 30 -15.73 10.40 45.44
N ASP D 31 -14.52 10.69 45.00
CA ASP D 31 -13.34 10.22 45.69
C ASP D 31 -13.06 10.78 47.07
N THR D 32 -13.48 12.01 47.32
CA THR D 32 -13.35 12.58 48.66
C THR D 32 -14.63 13.29 49.03
N ILE D 33 -14.59 13.97 50.17
CA ILE D 33 -15.77 14.63 50.70
C ILE D 33 -15.99 15.95 49.95
N LEU D 34 -14.92 16.50 49.41
CA LEU D 34 -15.04 17.78 48.72
C LEU D 34 -15.09 17.68 47.18
N SER D 35 -14.76 16.51 46.64
CA SER D 35 -14.90 16.23 45.21
C SER D 35 -16.36 16.14 44.79
N LEU D 36 -16.63 15.94 43.51
CA LEU D 36 -18.02 15.96 43.07
C LEU D 36 -18.54 14.59 42.65
N SER D 37 -19.79 14.35 42.97
CA SER D 37 -20.39 13.07 42.75
C SER D 37 -20.79 12.88 41.30
N ARG D 38 -20.05 11.99 40.65
CA ARG D 38 -20.43 11.48 39.34
C ARG D 38 -20.71 9.99 39.40
N CYS D 39 -21.83 9.59 38.78
CA CYS D 39 -22.15 8.19 38.52
C CYS D 39 -20.95 7.33 38.16
N ALA D 40 -20.90 6.14 38.74
CA ALA D 40 -19.80 5.21 38.55
C ALA D 40 -20.40 3.81 38.51
N LEU D 41 -19.56 2.83 38.26
CA LEU D 41 -20.05 1.47 38.09
C LEU D 41 -19.85 0.70 39.38
N LYS D 42 -20.80 -0.20 39.67
CA LYS D 42 -20.72 -1.05 40.86
C LYS D 42 -19.41 -1.79 40.85
N ALA D 43 -18.79 -1.94 42.01
CA ALA D 43 -17.48 -2.57 42.05
C ALA D 43 -17.68 -4.04 41.72
N ARG D 44 -16.59 -4.67 41.33
CA ARG D 44 -16.68 -6.03 40.86
C ARG D 44 -16.03 -6.92 41.89
N GLU D 45 -16.14 -8.23 41.67
CA GLU D 45 -15.61 -9.16 42.63
C GLU D 45 -14.17 -8.83 42.90
N ASN D 46 -13.85 -8.69 44.17
CA ASN D 46 -12.49 -8.58 44.58
C ASN D 46 -11.99 -7.17 44.59
N SER D 47 -12.86 -6.24 44.20
CA SER D 47 -12.50 -4.85 44.28
C SER D 47 -13.25 -4.22 45.43
N GLU D 48 -12.62 -3.20 46.03
CA GLU D 48 -13.22 -2.39 47.09
C GLU D 48 -14.63 -1.90 46.86
N CYS D 49 -15.34 -1.71 47.97
CA CYS D 49 -16.76 -1.43 47.94
C CYS D 49 -17.12 -0.79 49.27
N SER D 50 -18.35 -0.32 49.36
CA SER D 50 -18.91 0.11 50.64
C SER D 50 -20.25 -0.59 50.79
N ALA D 51 -20.65 -0.89 52.02
CA ALA D 51 -22.00 -1.36 52.24
C ALA D 51 -22.96 -0.18 52.23
N PHE D 52 -24.23 -0.46 51.96
CA PHE D 52 -25.27 0.57 51.86
C PHE D 52 -25.03 1.76 52.78
N THR D 53 -24.95 2.96 52.21
CA THR D 53 -24.92 4.20 52.99
C THR D 53 -26.25 4.92 52.93
N LEU D 54 -26.63 5.57 54.03
CA LEU D 54 -27.82 6.41 54.06
C LEU D 54 -27.53 7.74 53.34
N TYR D 55 -26.28 8.20 53.44
CA TYR D 55 -25.85 9.43 52.78
C TYR D 55 -26.09 9.43 51.28
N GLY D 56 -26.35 8.25 50.71
CA GLY D 56 -26.75 8.17 49.31
C GLY D 56 -25.67 8.51 48.29
N VAL D 57 -24.41 8.43 48.69
CA VAL D 57 -23.29 8.88 47.87
C VAL D 57 -22.07 8.18 48.44
N TYR D 58 -21.25 7.57 47.58
CA TYR D 58 -20.21 6.62 48.03
C TYR D 58 -18.81 7.06 47.79
N TYR D 59 -17.90 6.66 48.68
CA TYR D 59 -16.48 6.80 48.39
C TYR D 59 -15.97 5.60 47.59
N LYS D 60 -16.71 4.50 47.64
CA LYS D 60 -16.37 3.27 46.95
C LYS D 60 -17.74 2.67 46.75
N CYS D 61 -18.03 2.14 45.56
CA CYS D 61 -19.39 1.67 45.29
C CYS D 61 -19.78 0.38 46.01
N PRO D 62 -21.09 0.13 46.09
CA PRO D 62 -21.66 -1.20 46.30
C PRO D 62 -21.23 -2.16 45.18
N CYS D 63 -21.27 -3.47 45.47
CA CYS D 63 -20.80 -4.48 44.52
C CYS D 63 -21.86 -4.92 43.55
N GLU D 64 -21.42 -5.54 42.45
CA GLU D 64 -22.36 -6.04 41.46
C GLU D 64 -23.13 -7.13 42.15
N ARG D 65 -24.23 -7.56 41.53
CA ARG D 65 -25.14 -8.48 42.18
C ARG D 65 -24.41 -9.79 42.44
N GLY D 66 -25.00 -10.59 43.31
CA GLY D 66 -24.35 -11.82 43.70
C GLY D 66 -23.24 -11.62 44.72
N LEU D 67 -22.70 -10.43 44.82
CA LEU D 67 -21.62 -10.22 45.77
C LEU D 67 -21.96 -9.52 47.07
N THR D 68 -21.02 -9.59 48.00
CA THR D 68 -21.22 -9.19 49.38
C THR D 68 -20.01 -8.33 49.73
N CYS D 69 -20.24 -7.12 50.23
CA CYS D 69 -19.07 -6.33 50.56
C CYS D 69 -18.57 -6.76 51.92
N GLU D 70 -17.43 -7.43 51.92
CA GLU D 70 -16.92 -7.97 53.16
C GLU D 70 -15.83 -7.15 53.76
N GLY D 71 -16.23 -6.23 54.65
CA GLY D 71 -15.26 -5.44 55.38
C GLY D 71 -15.90 -4.76 56.57
N ASP D 72 -15.43 -3.56 56.89
CA ASP D 72 -15.87 -2.82 58.08
C ASP D 72 -17.36 -2.50 58.05
N LYS D 73 -18.10 -2.88 59.09
CA LYS D 73 -19.48 -2.45 59.24
C LYS D 73 -19.74 -1.86 60.62
N SER D 74 -18.77 -1.06 61.09
CA SER D 74 -18.80 -0.51 62.44
C SER D 74 -19.69 0.71 62.52
N LEU D 75 -19.76 1.30 63.71
CA LEU D 75 -20.46 2.57 63.91
C LEU D 75 -19.71 3.78 63.35
N VAL D 76 -18.48 3.98 63.80
CA VAL D 76 -17.61 5.02 63.25
C VAL D 76 -17.78 5.10 61.74
N GLY D 77 -17.67 3.93 61.10
CA GLY D 77 -17.86 3.80 59.67
C GLY D 77 -19.20 4.29 59.18
N SER D 78 -20.28 3.86 59.80
CA SER D 78 -21.58 4.24 59.28
C SER D 78 -21.82 5.76 59.24
N ILE D 79 -21.19 6.49 60.16
CA ILE D 79 -21.40 7.94 60.25
C ILE D 79 -20.36 8.64 59.41
N THR D 80 -19.14 8.13 59.42
CA THR D 80 -18.15 8.76 58.59
C THR D 80 -18.21 8.24 57.15
N ASN D 81 -19.31 7.59 56.80
CA ASN D 81 -19.45 6.94 55.48
C ASN D 81 -18.21 6.17 54.99
N THR D 82 -17.68 5.26 55.81
CA THR D 82 -16.49 4.51 55.47
C THR D 82 -16.57 3.02 55.85
N ASN D 83 -17.76 2.43 55.68
CA ASN D 83 -17.93 0.99 55.86
C ASN D 83 -17.36 0.21 54.66
N PHE D 84 -16.03 0.23 54.54
CA PHE D 84 -15.37 -0.31 53.36
C PHE D 84 -15.09 -1.81 53.44
N GLY D 85 -15.55 -2.51 52.41
CA GLY D 85 -15.31 -3.93 52.31
C GLY D 85 -14.92 -4.26 50.90
N ILE D 86 -14.41 -5.47 50.73
CA ILE D 86 -14.13 -6.00 49.40
C ILE D 86 -15.29 -6.88 49.01
N CYS D 87 -15.63 -6.91 47.72
CA CYS D 87 -16.70 -7.81 47.31
C CYS D 87 -16.21 -9.23 47.19
N HIS D 88 -17.12 -10.16 47.39
CA HIS D 88 -16.80 -11.55 47.65
C HIS D 88 -18.10 -12.29 47.38
N ASN D 89 -17.96 -13.56 47.02
CA ASN D 89 -19.07 -14.43 46.66
C ASN D 89 -19.55 -15.14 47.91
N VAL D 90 -20.86 -15.09 48.14
CA VAL D 90 -21.48 -15.30 49.46
C VAL D 90 -20.69 -14.70 50.62
C1 NAG E . -17.59 -8.75 -0.95
C2 NAG E . -18.66 -9.82 -1.36
C3 NAG E . -20.09 -9.15 -0.98
C4 NAG E . -20.19 -9.56 0.63
C5 NAG E . -18.77 -9.29 1.32
C6 NAG E . -17.95 -10.57 1.76
C7 NAG E . -17.19 -10.89 -2.67
C8 NAG E . -16.58 -11.75 -3.78
N2 NAG E . -18.38 -10.27 -2.71
O3 NAG E . -21.29 -9.41 -1.77
O4 NAG E . -21.28 -8.93 1.42
O5 NAG E . -18.03 -8.31 0.37
O6 NAG E . -17.48 -10.57 3.12
O7 NAG E . -16.41 -10.76 -1.71
H1 NAG E . -17.21 -8.56 -1.93
H2 NAG E . -18.60 -10.73 -0.74
H3 NAG E . -19.88 -8.11 -1.13
H4 NAG E . -20.38 -10.65 0.72
H5 NAG E . -18.67 -8.86 2.26
H61 NAG E . -17.10 -10.70 1.09
H62 NAG E . -18.57 -11.47 1.68
H81 NAG E . -15.85 -11.18 -4.36
H82 NAG E . -17.33 -12.21 -4.40
H83 NAG E . -16.03 -12.58 -3.32
HN2 NAG E . -18.93 -10.06 -3.49
HO3 NAG E . -21.41 -8.62 -2.34
HO6 NAG E . -16.54 -10.38 3.14
C1 NAG E . -21.14 -7.55 1.78
C2 NAG E . -20.04 -7.10 2.81
C3 NAG E . -20.18 -5.51 2.71
C4 NAG E . -19.96 -4.97 1.10
C5 NAG E . -21.01 -5.64 0.39
C6 NAG E . -21.27 -5.41 -1.05
C7 NAG E . -19.93 -9.03 4.55
C8 NAG E . -19.91 -9.51 6.01
N2 NAG E . -20.06 -7.73 4.18
O3 NAG E . -19.19 -5.00 3.60
O4 NAG E . -20.02 -3.50 0.76
O5 NAG E . -20.78 -6.97 0.58
O6 NAG E . -21.51 -6.67 -1.66
O7 NAG E . -19.87 -9.96 3.75
H1 NAG E . -22.18 -7.29 2.05
H2 NAG E . -19.03 -6.99 2.43
H3 NAG E . -21.16 -5.21 3.09
H4 NAG E . -18.98 -5.34 0.72
H5 NAG E . -21.95 -5.38 0.89
H61 NAG E . -20.40 -5.01 -1.53
H62 NAG E . -22.13 -4.74 -1.19
H81 NAG E . -20.83 -10.07 6.21
H82 NAG E . -19.85 -8.67 6.69
H83 NAG E . -19.06 -10.19 6.16
HN2 NAG E . -20.19 -7.11 4.92
HO3 NAG E . -19.16 -4.04 3.53
HO6 NAG E . -21.76 -7.28 -0.95
C1 BMA E . -19.11 -2.76 -0.19
C2 BMA E . -19.55 -2.64 -1.69
C3 BMA E . -19.06 -1.31 -2.44
C4 BMA E . -17.82 -0.60 -1.76
C5 BMA E . -18.00 -0.59 -0.22
C6 BMA E . -18.36 0.86 0.08
O2 BMA E . -20.97 -2.69 -1.88
O3 BMA E . -20.10 -0.22 -2.66
O4 BMA E . -16.52 -1.10 -2.07
O5 BMA E . -19.11 -1.40 0.24
O6 BMA E . -17.13 1.69 0.18
H1 BMA E . -18.12 -3.18 0.02
H2 BMA E . -19.05 -3.47 -2.19
H3 BMA E . -18.65 -1.68 -3.37
H4 BMA E . -17.69 0.43 -2.15
H5 BMA E . -17.14 -1.04 0.27
H61 BMA E . -19.05 0.93 0.94
H62 BMA E . -19.01 1.31 -0.68
HO2 BMA E . -21.13 -3.01 -2.77
HO4 BMA E . -15.85 -0.59 -1.60
C1 BMA E . -19.89 0.55 -3.94
C2 BMA E . -21.01 1.56 -4.45
C3 BMA E . -22.18 0.80 -5.19
C4 BMA E . -21.38 -0.09 -6.29
C5 BMA E . -20.71 -1.19 -5.45
C6 BMA E . -20.29 -2.74 -5.68
O2 BMA E . -20.41 2.48 -5.37
O3 BMA E . -23.22 1.66 -5.69
O4 BMA E . -22.06 -0.59 -7.39
O5 BMA E . -19.59 -0.42 -4.96
O6 BMA E . -20.58 -3.32 -6.91
H1 BMA E . -18.94 1.04 -3.75
H2 BMA E . -21.42 2.14 -3.61
H3 BMA E . -22.71 0.19 -4.45
H4 BMA E . -20.61 0.55 -6.76
H5 BMA E . -21.34 -1.38 -4.55
H61 BMA E . -20.78 -3.40 -4.95
H62 BMA E . -19.24 -2.90 -5.49
HO2 BMA E . -19.72 2.97 -4.96
HO3 BMA E . -23.59 1.25 -6.48
HO4 BMA E . -22.09 0.14 -8.02
HO6 BMA E . -20.05 -2.91 -7.61
C1 BMA E . -16.50 1.58 1.45
C2 BMA E . -15.67 2.75 2.01
C3 BMA E . -14.35 2.12 2.70
C4 BMA E . -14.98 1.08 3.76
C5 BMA E . -15.76 -0.10 2.91
C6 BMA E . -17.23 -0.48 3.40
O2 BMA E . -16.53 3.48 2.91
O3 BMA E . -13.32 3.05 3.25
O4 BMA E . -13.98 0.52 4.69
O5 BMA E . -15.88 0.31 1.51
O6 BMA E . -17.92 0.67 3.94
H1 BMA E . -17.40 1.57 2.04
H2 BMA E . -15.41 3.43 1.20
H3 BMA E . -13.83 1.50 1.97
H4 BMA E . -15.73 1.59 4.38
H5 BMA E . -15.15 -1.03 2.87
H61 BMA E . -17.14 -1.24 4.19
H62 BMA E . -17.83 -0.94 2.60
HO2 BMA E . -17.41 3.57 2.52
HO3 BMA E . -12.60 3.07 2.59
HO4 BMA E . -13.52 1.26 5.09
HO6 BMA E . -18.68 0.40 4.45
C1 NAG F . 13.74 14.90 -0.59
C2 NAG F . 15.14 15.49 -0.27
C3 NAG F . 15.40 16.60 -1.42
C4 NAG F . 15.53 15.74 -2.72
C5 NAG F . 14.21 15.08 -3.02
C6 NAG F . 14.41 13.67 -3.40
C7 NAG F . 14.92 14.98 2.03
C8 NAG F . 14.46 15.22 3.51
N2 NAG F . 14.99 15.95 1.12
O3 NAG F . 16.54 17.38 -1.12
O4 NAG F . 15.96 16.37 -3.94
O5 NAG F . 13.35 15.26 -1.91
O6 NAG F . 15.32 13.68 -4.46
O7 NAG F . 15.29 13.82 1.79
H1 NAG F . 12.92 15.38 -0.03
H2 NAG F . 15.93 14.72 -0.34
H3 NAG F . 14.54 17.29 -1.50
H4 NAG F . 16.32 15.01 -2.54
H5 NAG F . 13.54 15.44 -3.72
H61 NAG F . 13.46 13.18 -3.72
H62 NAG F . 14.83 13.07 -2.58
H81 NAG F . 13.66 15.97 3.57
H82 NAG F . 15.28 15.39 4.20
H83 NAG F . 13.99 14.31 3.89
HN2 NAG F . 15.13 16.89 1.28
HO3 NAG F . 17.26 17.09 -1.69
HO6 NAG F . 16.15 13.26 -4.20
C1 NAG F . 15.01 16.74 -4.99
C2 NAG F . 14.52 15.67 -6.07
C3 NAG F . 13.40 16.36 -6.85
C4 NAG F . 12.22 16.67 -5.72
C5 NAG F . 12.90 18.02 -5.11
C6 NAG F . 12.53 19.36 -4.36
C7 NAG F . 15.99 14.17 -7.44
C8 NAG F . 17.28 14.08 -8.29
N2 NAG F . 15.69 15.34 -6.88
O3 NAG F . 12.96 15.72 -8.03
O4 NAG F . 10.83 16.64 -6.20
O5 NAG F . 13.96 17.47 -4.34
O6 NAG F . 13.66 20.24 -4.05
O7 NAG F . 15.29 13.14 -7.30
H1 NAG F . 15.59 17.53 -5.49
H2 NAG F . 13.97 14.77 -5.78
H3 NAG F . 13.88 17.23 -7.32
H4 NAG F . 12.12 15.85 -5.02
H5 NAG F . 13.39 18.58 -5.92
H61 NAG F . 11.97 19.14 -3.44
H62 NAG F . 11.90 19.99 -5.01
H81 NAG F . 18.12 14.59 -7.79
H82 NAG F . 17.12 14.54 -9.27
H83 NAG F . 17.56 13.03 -8.46
HN2 NAG F . 16.31 16.08 -7.06
HO3 NAG F . 11.99 15.67 -8.01
HO6 NAG F . 13.41 20.88 -3.38
C1 BMA F . 9.70 16.35 -5.24
C2 BMA F . 9.40 17.65 -4.36
C3 BMA F . 7.91 18.12 -4.22
C4 BMA F . 7.00 16.86 -4.14
C5 BMA F . 7.22 15.70 -5.26
C6 BMA F . 6.05 15.71 -6.32
O2 BMA F . 10.02 18.74 -4.96
O3 BMA F . 7.42 19.06 -5.26
O4 BMA F . 7.46 16.37 -2.87
O5 BMA F . 8.50 15.91 -6.00
O6 BMA F . 5.64 14.39 -6.87
H1 BMA F . 9.96 15.48 -4.64
H2 BMA F . 9.80 17.50 -3.36
H3 BMA F . 7.85 18.61 -3.25
H4 BMA F . 5.97 17.17 -4.14
H5 BMA F . 7.21 14.71 -4.79
H61 BMA F . 6.27 16.44 -7.12
H62 BMA F . 5.11 16.09 -5.88
HO2 BMA F . 9.77 18.65 -5.89
HO4 BMA F . 7.36 15.44 -2.74
C1 BMA F . 6.98 20.29 -4.68
C2 BMA F . 6.18 21.30 -5.60
C3 BMA F . 6.78 22.65 -5.55
C4 BMA F . 6.83 22.82 -3.97
C5 BMA F . 8.32 22.30 -3.75
C6 BMA F . 9.12 22.71 -2.50
O2 BMA F . 4.84 21.52 -5.14
O3 BMA F . 6.12 23.66 -6.33
O4 BMA F . 6.40 24.06 -3.52
O5 BMA F . 8.13 20.84 -3.88
O6 BMA F . 8.49 22.18 -1.37
H1 BMA F . 6.18 19.83 -4.10
H2 BMA F . 6.10 20.91 -6.61
H3 BMA F . 7.73 22.50 -6.10
H4 BMA F . 6.20 22.16 -3.32
H5 BMA F . 9.03 22.61 -4.52
H61 BMA F . 9.19 23.81 -2.44
H62 BMA F . 10.16 22.34 -2.54
HO2 BMA F . 4.58 22.40 -5.49
HO3 BMA F . 6.66 24.47 -6.37
HO4 BMA F . 5.75 24.35 -4.16
HO6 BMA F . 8.98 21.44 -1.03
C1 BMA F . 6.42 13.51 -7.72
C2 BMA F . 5.38 12.44 -8.30
C3 BMA F . 5.81 10.91 -8.11
C4 BMA F . 7.23 10.69 -8.63
C5 BMA F . 8.19 11.78 -7.95
C6 BMA F . 8.78 12.54 -9.19
O2 BMA F . 5.23 12.65 -9.70
O3 BMA F . 4.93 9.93 -8.83
O4 BMA F . 7.62 9.33 -8.41
O5 BMA F . 7.49 12.77 -7.07
O6 BMA F . 7.82 13.11 -10.14
H1 BMA F . 6.82 14.21 -8.47
H2 BMA F . 4.42 12.56 -7.79
H3 BMA F . 5.82 10.67 -7.05
H4 BMA F . 7.16 10.79 -9.72
H5 BMA F . 9.00 11.30 -7.36
H61 BMA F . 9.42 11.83 -9.74
H62 BMA F . 9.44 13.33 -8.84
HO2 BMA F . 5.11 13.61 -9.79
HO3 BMA F . 4.45 10.42 -9.50
HO4 BMA F . 6.83 8.82 -8.63
HO6 BMA F . 7.03 12.55 -10.18
CA CA G . -10.13 1.09 -8.10
C1 C8E H . -4.10 8.30 -36.58
C2 C8E H . -4.44 7.60 -37.91
C3 C8E H . -5.96 7.57 -38.28
C4 C8E H . -6.97 7.05 -37.19
C5 C8E H . -6.77 5.65 -36.54
C6 C8E H . -8.02 5.05 -35.75
C7 C8E H . -8.16 3.50 -35.62
C8 C8E H . -6.89 2.80 -35.01
O9 C8E H . -7.22 1.41 -34.84
C10 C8E H . -6.33 0.41 -35.33
C11 C8E H . -5.76 -0.38 -34.16
O12 C8E H . -5.20 0.50 -33.18
C13 C8E H . -4.66 -0.12 -32.00
C14 C8E H . -4.42 0.94 -30.90
O15 C8E H . -5.60 0.99 -30.06
C16 C8E H . -5.53 1.69 -28.79
C17 C8E H . -5.26 3.23 -28.84
O18 C8E H . -5.71 3.67 -27.53
C19 C8E H . -5.79 5.09 -27.26
C20 C8E H . -6.20 5.33 -25.77
O21 C8E H . -5.67 4.44 -24.99
H11 C8E H . -3.23 8.94 -36.66
H12 C8E H . -3.91 7.62 -35.77
H13 C8E H . -4.87 8.99 -36.26
H21 C8E H . -4.04 6.60 -37.88
H22 C8E H . -3.90 8.08 -38.70
H31 C8E H . -6.08 6.96 -39.17
H32 C8E H . -6.26 8.56 -38.58
H41 C8E H . -7.95 7.07 -37.64
H42 C8E H . -7.02 7.79 -36.42
H51 C8E H . -5.91 5.69 -35.87
H52 C8E H . -6.52 4.97 -37.33
H61 C8E H . -8.96 5.44 -36.13
H62 C8E H . -7.95 5.37 -34.73
H71 C8E H . -8.36 3.10 -36.59
H72 C8E H . -9.04 3.27 -35.01
H81 C8E H . -6.69 3.19 -34.02
H82 C8E H . -6.02 2.95 -35.61
H101 C8E H . -5.53 0.80 -35.97
H102 C8E H . -6.96 -0.19 -35.97
H111 C8E H . -4.98 -1.04 -34.51
H112 C8E H . -6.56 -0.98 -33.71
H131 C8E H . -3.73 -0.60 -32.26
H132 C8E H . -5.34 -0.89 -31.64
H141 C8E H . -4.25 1.92 -31.34
H142 C8E H . -3.56 0.68 -30.31
H161 C8E H . -4.78 1.20 -28.17
H162 C8E H . -6.48 1.48 -28.32
H171 C8E H . -5.88 3.69 -29.60
H172 C8E H . -4.22 3.48 -28.98
H191 C8E H . -6.56 5.50 -27.91
H192 C8E H . -4.87 5.58 -27.52
H201 C8E H . -7.28 5.25 -25.65
H202 C8E H . -5.92 6.32 -25.43
HO2 C8E H . -4.81 4.75 -24.71
C1 C8E I . -14.99 1.79 -35.43
C2 C8E I . -13.99 1.39 -36.60
C3 C8E I . -12.43 1.18 -36.29
C4 C8E I . -11.72 2.46 -35.77
C5 C8E I . -10.25 2.75 -36.22
C6 C8E I . -9.02 2.32 -35.42
C7 C8E I . -7.79 3.29 -35.57
C8 C8E I . -6.35 2.67 -35.49
O9 C8E I . -6.19 1.91 -34.26
C10 C8E I . -5.37 0.71 -34.29
C11 C8E I . -6.10 -0.45 -33.55
O12 C8E I . -6.13 -0.35 -32.10
C13 C8E I . -4.92 -0.50 -31.33
C14 C8E I . -4.58 0.81 -30.57
O15 C8E I . -5.55 1.01 -29.52
C16 C8E I . -5.33 2.10 -28.60
C17 C8E I . -5.96 1.72 -27.23
O18 C8E I . -5.53 0.36 -26.82
C19 C8E I . -6.45 -0.77 -27.00
C20 C8E I . -5.97 -2.01 -26.27
O21 C8E I . -6.58 -3.15 -26.23
H11 C8E I . -14.49 2.09 -34.51
H12 C8E I . -15.64 0.96 -35.16
H13 C8E I . -15.63 2.61 -35.72
H21 C8E I . -14.09 2.11 -37.41
H22 C8E I . -14.36 0.48 -37.04
H31 C8E I . -11.96 0.82 -37.20
H32 C8E I . -12.32 0.38 -35.56
H41 C8E I . -11.76 2.48 -34.69
H42 C8E I . -12.31 3.31 -36.06
H51 C8E I . -10.19 3.83 -36.34
H52 C8E I . -10.09 2.32 -37.21
H61 C8E I . -8.76 1.29 -35.63
H62 C8E I . -9.32 2.37 -34.39
H71 C8E I . -7.85 4.09 -34.83
H72 C8E I . -7.83 3.82 -36.52
H81 C8E I . -5.62 3.45 -35.50
H82 C8E I . -6.21 2.06 -36.37
H101 C8E I . -4.41 0.96 -33.88
H102 C8E I . -5.16 0.38 -35.32
H111 C8E I . -5.66 -1.38 -33.85
H112 C8E I . -7.13 -0.51 -33.87
H131 C8E I . -4.08 -0.80 -31.94
H132 C8E I . -5.08 -1.30 -30.62
H141 C8E I . -4.63 1.66 -31.24
H142 C8E I . -3.58 0.75 -30.17
H161 C8E I . -5.81 2.99 -29.01
H162 C8E I . -4.27 2.33 -28.47
H171 C8E I . -7.03 1.78 -27.30
H172 C8E I . -5.66 2.41 -26.46
H191 C8E I . -6.62 -0.97 -28.04
H192 C8E I . -7.36 -0.46 -26.55
H201 C8E I . -5.91 -1.73 -25.24
H202 C8E I . -4.99 -2.24 -26.70
HO2 C8E I . -6.15 -3.77 -26.83
C1 BME J . -11.63 14.02 -21.96
C2 BME J . -11.43 12.56 -21.58
O1 BME J . -10.83 14.39 -23.08
S2 BME J . -12.79 11.89 -20.59
CA CA K . 0.23 13.94 1.01
C1 C8E L . -19.68 26.46 19.57
C2 C8E L . -19.21 26.87 20.98
C3 C8E L . -18.63 28.32 21.14
C4 C8E L . -17.40 28.72 20.25
C5 C8E L . -16.10 27.89 20.40
C6 C8E L . -14.92 28.42 19.51
C7 C8E L . -13.50 28.37 20.07
C8 C8E L . -12.99 26.93 20.46
O9 C8E L . -11.84 27.05 21.33
C10 C8E L . -11.74 26.16 22.46
C11 C8E L . -10.92 24.89 22.13
O12 C8E L . -11.67 24.06 21.20
C13 C8E L . -11.28 22.67 21.13
C14 C8E L . -11.91 22.00 19.92
O15 C8E L . -11.50 22.75 18.78
C16 C8E L . -11.36 22.15 17.48
C17 C8E L . -12.55 22.54 16.56
O18 C8E L . -12.06 22.11 15.30
C19 C8E L . -12.79 22.34 14.10
C20 C8E L . -11.88 21.88 12.91
O21 C8E L . -11.19 20.79 13.05
H11 C8E L . -19.58 27.23 18.84
H12 C8E L . -20.74 26.20 19.57
H13 C8E L . -19.17 25.57 19.21
H21 C8E L . -18.50 26.14 21.37
H22 C8E L . -20.05 26.78 21.66
H31 C8E L . -18.36 28.48 22.17
H32 C8E L . -19.43 29.04 20.95
H41 C8E L . -17.18 29.77 20.46
H42 C8E L . -17.69 28.74 19.21
H51 C8E L . -16.27 26.84 20.22
H52 C8E L . -15.78 28.00 21.41
H61 C8E L . -15.10 29.45 19.23
H62 C8E L . -14.90 27.82 18.61
H71 C8E L . -13.44 29.03 20.92
H72 C8E L . -12.81 28.80 19.34
H81 C8E L . -12.67 26.41 19.58
H82 C8E L . -13.76 26.34 20.93
H101 C8E L . -12.69 25.92 22.91
H102 C8E L . -11.20 26.75 23.19
H111 C8E L . -10.70 24.35 23.04
H112 C8E L . -9.98 25.15 21.66
H131 C8E L . -11.64 22.17 22.01
H132 C8E L . -10.20 22.57 21.10
H141 C8E L . -12.98 22.02 19.98
H142 C8E L . -11.57 20.98 19.87
H161 C8E L . -11.25 21.07 17.54
H162 C8E L . -10.43 22.54 17.08
H171 C8E L . -12.71 23.62 16.56
H172 C8E L . -13.46 22.03 16.82
H191 C8E L . -12.97 23.41 14.03
H192 C8E L . -13.75 21.88 14.14
H201 C8E L . -11.17 22.66 12.67
H202 C8E L . -12.49 21.79 12.04
HO2 C8E L . -10.99 20.43 12.18
C1 C8E M . -8.73 33.76 18.12
C2 C8E M . -9.45 33.47 19.53
C3 C8E M . -9.81 31.98 20.05
C4 C8E M . -10.82 31.20 19.15
C5 C8E M . -12.07 30.49 19.84
C6 C8E M . -12.18 28.95 19.75
C7 C8E M . -13.53 28.33 20.28
C8 C8E M . -13.46 26.78 20.57
O9 C8E M . -12.11 26.33 20.94
C10 C8E M . -11.93 25.19 21.84
C11 C8E M . -10.39 24.83 21.95
O12 C8E M . -9.86 24.08 20.80
C13 C8E M . -9.93 22.62 20.78
C14 C8E M . -10.50 22.05 19.46
O15 C8E M . -9.55 22.11 18.35
C16 C8E M . -9.99 21.56 17.09
C17 C8E M . -8.88 21.51 16.02
O18 C8E M . -7.63 20.84 16.38
C19 C8E M . -6.79 21.29 17.48
C20 C8E M . -5.67 20.26 17.79
O21 C8E M . -4.61 20.60 18.46
H11 C8E M . -7.76 34.21 18.25
H12 C8E M . -9.30 34.45 17.52
H13 C8E M . -8.58 32.86 17.53
H21 C8E M . -10.35 34.08 19.59
H22 C8E M . -8.83 33.91 20.29
H31 C8E M . -10.17 32.06 21.06
H32 C8E M . -8.88 31.42 20.12
H41 C8E M . -10.29 30.49 18.54
H42 C8E M . -11.24 31.90 18.42
H51 C8E M . -12.97 30.87 19.37
H52 C8E M . -12.10 30.74 20.89
H61 C8E M . -11.35 28.57 20.32
H62 C8E M . -12.05 28.65 18.72
H71 C8E M . -14.31 28.53 19.55
H72 C8E M . -13.85 28.85 21.17
H81 C8E M . -13.75 26.23 19.68
H82 C8E M . -14.17 26.52 21.34
H101 C8E M . -12.50 24.36 21.49
H102 C8E M . -12.30 25.48 22.81
H111 C8E M . -10.22 24.31 22.87
H112 C8E M . -9.80 25.73 22.02
H131 C8E M . -10.51 22.24 21.62
H132 C8E M . -8.93 22.26 20.91
H141 C8E M . -11.39 22.61 19.18
H142 C8E M . -10.80 21.02 19.63
H161 C8E M . -10.81 22.18 16.72
H162 C8E M . -10.38 20.56 17.25
H171 C8E M . -8.67 22.49 15.66
H172 C8E M . -9.26 20.98 15.15
H191 C8E M . -7.34 21.45 18.38
H192 C8E M . -6.40 22.24 17.25
H201 C8E M . -5.35 19.74 16.89
H202 C8E M . -6.14 19.60 18.49
HO2 C8E M . -4.51 20.05 19.25
C1 BME N . -14.35 25.71 3.39
C2 BME N . -13.04 25.00 3.80
O1 BME N . -15.41 25.41 4.28
S2 BME N . -11.78 25.00 2.47
#